data_6XXI
#
_entry.id   6XXI
#
_cell.length_a   104.819
_cell.length_b   104.819
_cell.length_c   160.499
_cell.angle_alpha   90.000
_cell.angle_beta   90.000
_cell.angle_gamma   120.000
#
_symmetry.space_group_name_H-M   'P 32 2 1'
#
loop_
_entity.id
_entity.type
_entity.pdbx_description
1 polymer 'Deoxyhypusine synthase'
2 non-polymer 'ACETATE ION'
3 non-polymer 1,2-ETHANEDIOL
4 non-polymer NICOTINAMIDE-ADENINE-DINUCLEOTIDE
5 non-polymer BETA-MERCAPTOETHANOL
6 non-polymer 'FORMIC ACID'
7 non-polymer (4R)-2-METHYLPENTANE-2,4-DIOL
8 water water
#
_entity_poly.entity_id   1
_entity_poly.type   'polypeptide(L)'
_entity_poly.pdbx_seq_one_letter_code
;MEGSLEREAPAGALAAVLKHSSTLPPESTQVRGYDFNRGVNYRALLEAFGTTGFQATNFGRAVQQVNAMIEKKLEPLSQD
EDQHADLTQSRRPLTSCTIFLGYTSNLISSGIRETIRYLVQHNMVDVLVTTAGGVEEDLIKCLAPTYLGEFSLRGKELRE
NGINRIGNLLVPNENY(CSS)KFEDWLMPILDQMVMEQNTEGVKWTPSKMIARLGKEINNPESVYYWAQKNHIPVFSPAL
TDGSLGDMIFFHSYKNPGLVLDIVEDLRLINTQAIFAKCTGMIILGGGVVKHHIANANLMRNGADYAVYINTAQEFDGSD
SGARPDEAVSWGKIRVDAQPVKVYADASLVFPLLVAETFAQKMDAFMHEKNED
;
_entity_poly.pdbx_strand_id   A,B
#
# COMPACT_ATOMS: atom_id res chain seq x y z
N SER A 28 26.86 10.15 29.93
CA SER A 28 25.56 10.80 29.80
C SER A 28 25.61 12.17 29.12
N THR A 29 24.84 12.33 28.07
CA THR A 29 24.96 13.46 27.17
C THR A 29 23.97 14.55 27.57
N GLN A 30 24.47 15.76 27.75
CA GLN A 30 23.62 16.91 28.13
C GLN A 30 22.90 17.47 26.92
N VAL A 31 21.73 18.03 27.18
CA VAL A 31 20.94 18.69 26.15
C VAL A 31 21.51 20.09 25.93
N ARG A 32 21.76 20.46 24.66
CA ARG A 32 22.27 21.79 24.34
C ARG A 32 22.06 22.02 22.84
N GLY A 33 21.46 23.15 22.50
CA GLY A 33 21.19 23.54 21.13
C GLY A 33 22.39 24.26 20.53
N TYR A 34 22.37 24.35 19.19
CA TYR A 34 23.36 25.15 18.46
C TYR A 34 23.32 26.61 18.92
N ASP A 35 24.50 27.20 19.13
CA ASP A 35 24.64 28.59 19.58
C ASP A 35 24.90 29.50 18.38
N PHE A 36 23.89 30.31 18.00
CA PHE A 36 24.03 31.18 16.84
C PHE A 36 24.95 32.38 17.09
N ASN A 37 25.44 32.56 18.33
CA ASN A 37 26.54 33.51 18.52
C ASN A 37 27.82 33.03 17.83
N ARG A 38 27.87 31.79 17.40
CA ARG A 38 28.97 31.27 16.56
C ARG A 38 28.88 31.73 15.13
N GLY A 39 27.76 32.33 14.74
CA GLY A 39 27.42 32.54 13.35
C GLY A 39 26.69 31.34 12.81
N VAL A 40 26.68 31.22 11.46
CA VAL A 40 25.94 30.15 10.78
C VAL A 40 26.98 29.24 10.08
N ASN A 41 27.34 28.16 10.74
CA ASN A 41 28.05 27.06 10.14
C ASN A 41 27.03 25.94 10.04
N TYR A 42 26.61 25.62 8.82
CA TYR A 42 25.50 24.69 8.65
C TYR A 42 25.84 23.28 9.08
N ARG A 43 27.09 22.86 8.86
CA ARG A 43 27.49 21.55 9.33
C ARG A 43 27.40 21.44 10.85
N ALA A 44 27.96 22.44 11.55
CA ALA A 44 27.83 22.48 13.02
C ALA A 44 26.37 22.54 13.46
N LEU A 45 25.55 23.28 12.69
CA LEU A 45 24.12 23.36 13.02
C LEU A 45 23.46 21.98 12.90
N LEU A 46 23.78 21.24 11.84
CA LEU A 46 23.16 19.90 11.71
C LEU A 46 23.70 18.94 12.78
N GLU A 47 24.99 19.03 13.07
CA GLU A 47 25.57 18.21 14.15
C GLU A 47 24.86 18.44 15.47
N ALA A 48 24.46 19.68 15.74
CA ALA A 48 23.84 19.99 17.00
C ALA A 48 22.45 19.38 17.15
N PHE A 49 21.83 18.90 16.06
CA PHE A 49 20.55 18.23 16.24
CA PHE A 49 20.57 18.14 16.15
C PHE A 49 20.67 17.06 17.22
N GLY A 50 21.79 16.34 17.21
CA GLY A 50 21.98 15.21 18.10
C GLY A 50 21.69 15.54 19.55
N THR A 51 22.13 16.70 20.03
CA THR A 51 21.91 17.06 21.44
C THR A 51 20.77 18.02 21.64
N THR A 52 19.90 18.21 20.66
CA THR A 52 18.77 19.15 20.80
C THR A 52 17.53 18.48 21.37
N GLY A 53 17.36 17.16 21.18
CA GLY A 53 16.29 16.38 21.81
C GLY A 53 15.15 16.09 20.82
N PHE A 54 14.16 15.31 21.30
CA PHE A 54 12.97 14.98 20.50
C PHE A 54 13.40 14.49 19.11
N GLN A 55 12.70 14.84 18.02
CA GLN A 55 13.10 14.21 16.73
C GLN A 55 14.39 14.76 16.17
N ALA A 56 14.87 15.91 16.65
CA ALA A 56 16.22 16.32 16.27
C ALA A 56 17.26 15.28 16.72
N THR A 57 17.10 14.78 17.95
CA THR A 57 18.01 13.75 18.43
C THR A 57 17.89 12.47 17.57
N ASN A 58 16.67 12.11 17.16
CA ASN A 58 16.54 10.92 16.34
C ASN A 58 17.18 11.15 14.99
N PHE A 59 17.13 12.37 14.46
CA PHE A 59 17.85 12.67 13.23
C PHE A 59 19.36 12.41 13.39
N GLY A 60 19.96 12.88 14.50
CA GLY A 60 21.38 12.63 14.69
C GLY A 60 21.68 11.15 14.82
N ARG A 61 20.80 10.40 15.46
CA ARG A 61 20.97 8.94 15.51
C ARG A 61 20.82 8.32 14.13
N ALA A 62 19.91 8.84 13.30
CA ALA A 62 19.78 8.31 11.94
C ALA A 62 21.03 8.56 11.11
N VAL A 63 21.64 9.74 11.25
CA VAL A 63 22.91 9.99 10.58
C VAL A 63 23.94 8.94 10.99
N GLN A 64 24.02 8.66 12.30
CA GLN A 64 24.98 7.67 12.79
C GLN A 64 24.72 6.30 12.21
N GLN A 65 23.45 5.88 12.11
N GLN A 65 23.47 5.87 12.15
CA GLN A 65 23.15 4.53 11.63
CA GLN A 65 23.16 4.52 11.63
C GLN A 65 23.42 4.40 10.13
C GLN A 65 23.47 4.44 10.13
N VAL A 66 23.01 5.41 9.34
CA VAL A 66 23.32 5.37 7.90
C VAL A 66 24.83 5.41 7.65
N ASN A 67 25.57 6.23 8.42
CA ASN A 67 27.04 6.20 8.27
C ASN A 67 27.64 4.86 8.66
N ALA A 68 27.04 4.17 9.63
CA ALA A 68 27.49 2.80 9.94
C ALA A 68 27.22 1.83 8.78
N MET A 69 26.04 1.93 8.11
CA MET A 69 25.81 1.11 6.91
C MET A 69 26.84 1.37 5.82
N ILE A 70 27.10 2.64 5.53
CA ILE A 70 28.08 3.00 4.49
C ILE A 70 29.46 2.48 4.85
N GLU A 71 29.88 2.73 6.08
CA GLU A 71 31.21 2.23 6.49
C GLU A 71 31.30 0.72 6.37
N LYS A 72 30.23 0.00 6.72
CA LYS A 72 30.21 -1.44 6.51
C LYS A 72 30.32 -1.78 5.02
N LYS A 73 29.48 -1.13 4.18
CA LYS A 73 29.48 -1.39 2.74
C LYS A 73 30.88 -1.26 2.15
N LEU A 74 31.67 -0.30 2.64
CA LEU A 74 32.98 0.01 2.10
C LEU A 74 34.07 -0.95 2.58
N GLU A 75 33.75 -1.87 3.47
CA GLU A 75 34.75 -2.86 3.87
C GLU A 75 35.00 -3.86 2.74
N PRO A 76 36.26 -4.25 2.51
CA PRO A 76 36.56 -5.20 1.44
C PRO A 76 35.92 -6.55 1.70
N LEU A 77 35.64 -7.20 0.58
CA LEU A 77 35.11 -8.57 0.47
C LEU A 77 36.12 -9.42 -0.32
N HIS A 84 26.85 -17.22 -6.44
CA HIS A 84 26.14 -16.12 -5.88
C HIS A 84 25.27 -15.56 -6.95
N ALA A 85 25.86 -15.24 -8.07
CA ALA A 85 25.07 -14.72 -9.14
C ALA A 85 24.10 -15.80 -9.57
N ASP A 86 24.44 -17.06 -9.34
CA ASP A 86 23.53 -18.11 -9.85
C ASP A 86 22.37 -18.27 -8.87
N LEU A 87 22.61 -17.98 -7.61
CA LEU A 87 21.58 -18.15 -6.60
C LEU A 87 20.69 -16.92 -6.49
N THR A 88 21.23 -15.73 -6.77
CA THR A 88 20.43 -14.49 -6.83
C THR A 88 19.91 -14.19 -8.24
N GLN A 89 20.48 -14.84 -9.27
CA GLN A 89 20.07 -14.57 -10.65
C GLN A 89 20.25 -13.09 -10.97
N SER A 90 21.31 -12.51 -10.41
CA SER A 90 21.56 -11.10 -10.56
C SER A 90 23.01 -10.90 -11.01
N ARG A 91 23.22 -9.86 -11.82
CA ARG A 91 24.55 -9.45 -12.26
C ARG A 91 25.22 -8.50 -11.29
N ARG A 92 24.51 -7.96 -10.30
CA ARG A 92 25.15 -6.97 -9.42
C ARG A 92 26.12 -7.67 -8.47
N PRO A 93 27.39 -7.24 -8.41
CA PRO A 93 28.31 -7.82 -7.43
C PRO A 93 27.93 -7.50 -5.98
N LEU A 94 28.31 -8.45 -5.12
CA LEU A 94 28.01 -8.35 -3.71
C LEU A 94 29.00 -7.39 -3.06
N THR A 95 28.52 -6.55 -2.14
CA THR A 95 29.39 -5.75 -1.27
C THR A 95 29.26 -6.21 0.18
N SER A 96 29.99 -5.56 1.08
CA SER A 96 29.90 -5.93 2.47
C SER A 96 28.62 -5.44 3.16
N CYS A 97 27.80 -4.59 2.53
CA CYS A 97 26.49 -4.28 3.10
C CYS A 97 25.50 -4.01 1.97
N THR A 98 24.48 -4.85 1.88
CA THR A 98 23.42 -4.63 0.90
C THR A 98 22.39 -3.65 1.46
N ILE A 99 22.24 -2.49 0.82
CA ILE A 99 21.31 -1.45 1.33
C ILE A 99 20.06 -1.42 0.48
N PHE A 100 18.93 -1.57 1.15
CA PHE A 100 17.60 -1.49 0.52
C PHE A 100 17.04 -0.09 0.81
N LEU A 101 16.66 0.65 -0.24
CA LEU A 101 16.06 1.98 -0.10
C LEU A 101 14.60 1.90 -0.57
N GLY A 102 13.64 2.23 0.30
CA GLY A 102 12.25 2.26 -0.08
C GLY A 102 11.64 3.64 0.11
N TYR A 103 10.67 3.97 -0.76
CA TYR A 103 10.02 5.28 -0.65
C TYR A 103 8.64 5.22 -1.26
N THR A 104 7.70 5.97 -0.65
CA THR A 104 6.36 6.01 -1.21
C THR A 104 6.32 6.85 -2.50
N SER A 105 5.20 6.73 -3.20
CA SER A 105 5.07 7.32 -4.53
C SER A 105 5.17 8.83 -4.50
N ASN A 106 4.52 9.45 -3.52
CA ASN A 106 4.47 10.90 -3.45
C ASN A 106 5.85 11.48 -3.27
N LEU A 107 6.79 10.72 -2.70
CA LEU A 107 8.12 11.32 -2.60
C LEU A 107 8.81 11.46 -3.97
N ILE A 108 8.38 10.67 -4.99
CA ILE A 108 8.88 10.91 -6.35
C ILE A 108 8.14 12.08 -6.99
N SER A 109 6.86 12.37 -6.57
CA SER A 109 6.22 13.61 -7.02
C SER A 109 6.98 14.82 -6.50
N SER A 110 7.51 14.72 -5.28
CA SER A 110 8.28 15.77 -4.65
C SER A 110 9.69 15.89 -5.26
N GLY A 111 10.40 16.90 -4.77
CA GLY A 111 11.78 17.08 -5.18
C GLY A 111 12.72 16.06 -4.58
N ILE A 112 12.22 15.17 -3.71
CA ILE A 112 13.03 14.07 -3.18
C ILE A 112 13.40 13.15 -4.33
N ARG A 113 12.64 13.20 -5.43
CA ARG A 113 13.06 12.47 -6.64
C ARG A 113 14.54 12.74 -6.97
N GLU A 114 14.98 14.00 -6.89
CA GLU A 114 16.39 14.28 -7.18
C GLU A 114 17.35 13.68 -6.18
N THR A 115 16.97 13.67 -4.91
CA THR A 115 17.83 13.09 -3.86
C THR A 115 18.04 11.61 -4.14
N ILE A 116 16.93 10.92 -4.45
CA ILE A 116 16.99 9.48 -4.74
C ILE A 116 17.78 9.25 -5.99
N ARG A 117 17.53 10.06 -7.02
CA ARG A 117 18.27 9.85 -8.29
C ARG A 117 19.78 9.94 -8.05
N TYR A 118 20.20 10.89 -7.21
CA TYR A 118 21.62 11.03 -6.92
C TYR A 118 22.21 9.76 -6.31
N LEU A 119 21.52 9.19 -5.32
CA LEU A 119 22.06 7.97 -4.69
C LEU A 119 22.16 6.83 -5.69
N VAL A 120 21.15 6.69 -6.57
CA VAL A 120 21.13 5.59 -7.54
C VAL A 120 22.18 5.84 -8.62
N GLN A 121 22.31 7.09 -9.07
CA GLN A 121 23.31 7.45 -10.07
C GLN A 121 24.71 7.06 -9.63
N HIS A 122 25.00 7.18 -8.34
CA HIS A 122 26.32 6.87 -7.82
C HIS A 122 26.41 5.50 -7.18
N ASN A 123 25.44 4.62 -7.44
CA ASN A 123 25.57 3.23 -7.03
C ASN A 123 25.68 3.09 -5.52
N MET A 124 25.04 4.01 -4.77
CA MET A 124 25.18 4.02 -3.32
C MET A 124 24.23 3.09 -2.61
N VAL A 125 23.17 2.61 -3.27
CA VAL A 125 22.26 1.66 -2.66
C VAL A 125 22.10 0.51 -3.63
N ASP A 126 21.52 -0.60 -3.15
CA ASP A 126 21.59 -1.84 -3.92
C ASP A 126 20.26 -2.33 -4.44
N VAL A 127 19.19 -2.06 -3.69
CA VAL A 127 17.83 -2.48 -4.07
C VAL A 127 16.90 -1.28 -3.83
N LEU A 128 15.97 -1.02 -4.77
CA LEU A 128 14.92 -0.01 -4.60
C LEU A 128 13.58 -0.72 -4.49
N VAL A 129 12.72 -0.22 -3.58
CA VAL A 129 11.32 -0.61 -3.56
C VAL A 129 10.50 0.68 -3.57
N THR A 130 9.56 0.79 -4.51
CA THR A 130 8.62 1.88 -4.51
C THR A 130 7.32 1.37 -5.08
N THR A 131 6.23 2.10 -4.79
CA THR A 131 4.94 1.81 -5.41
C THR A 131 4.87 2.39 -6.82
N ALA A 132 3.74 2.15 -7.52
CA ALA A 132 3.70 2.41 -8.96
C ALA A 132 3.87 3.90 -9.24
N GLY A 133 3.21 4.77 -8.45
CA GLY A 133 3.40 6.19 -8.73
C GLY A 133 4.85 6.57 -8.66
N GLY A 134 5.59 5.90 -7.79
CA GLY A 134 7.01 6.23 -7.61
C GLY A 134 7.86 5.75 -8.82
N VAL A 135 7.32 4.90 -9.66
CA VAL A 135 7.98 4.57 -10.93
C VAL A 135 7.53 5.56 -11.98
N GLU A 136 6.20 5.61 -12.25
CA GLU A 136 5.73 6.39 -13.40
C GLU A 136 6.06 7.89 -13.31
N GLU A 137 5.95 8.53 -12.11
CA GLU A 137 6.14 9.98 -12.05
CA GLU A 137 6.14 9.97 -12.09
C GLU A 137 7.60 10.37 -12.31
N ASP A 138 8.56 9.47 -12.02
CA ASP A 138 9.96 9.74 -12.40
C ASP A 138 10.10 9.82 -13.93
N LEU A 139 9.41 8.93 -14.65
CA LEU A 139 9.46 8.94 -16.12
C LEU A 139 8.71 10.15 -16.67
N ILE A 140 7.54 10.45 -16.08
CA ILE A 140 6.75 11.56 -16.63
C ILE A 140 7.48 12.88 -16.44
N LYS A 141 8.23 13.03 -15.33
CA LYS A 141 9.01 14.24 -15.12
C LYS A 141 10.08 14.46 -16.19
N CYS A 142 10.48 13.41 -16.94
CA CYS A 142 11.38 13.62 -18.08
C CYS A 142 10.64 14.20 -19.26
N LEU A 143 9.31 14.15 -19.25
CA LEU A 143 8.50 14.65 -20.35
C LEU A 143 7.88 16.02 -20.09
N ALA A 144 7.53 16.31 -18.82
CA ALA A 144 6.85 17.54 -18.43
C ALA A 144 6.96 17.72 -16.92
N PRO A 145 6.99 18.96 -16.44
CA PRO A 145 7.21 19.18 -15.00
C PRO A 145 5.95 19.04 -14.15
N THR A 146 6.20 18.82 -12.87
CA THR A 146 5.19 19.00 -11.83
C THR A 146 5.36 20.41 -11.19
N TYR A 147 4.26 21.01 -10.70
CA TYR A 147 4.27 22.41 -10.26
C TYR A 147 3.86 22.52 -8.79
N LEU A 148 4.24 23.64 -8.17
CA LEU A 148 3.85 23.92 -6.81
C LEU A 148 2.42 24.47 -6.77
N GLY A 149 1.68 24.06 -5.74
CA GLY A 149 0.33 24.59 -5.55
C GLY A 149 0.11 24.73 -4.05
N GLU A 150 -1.06 24.34 -3.57
CA GLU A 150 -1.42 24.40 -2.16
C GLU A 150 -2.34 23.22 -1.87
N PHE A 151 -2.32 22.75 -0.61
CA PHE A 151 -3.22 21.65 -0.20
C PHE A 151 -4.69 22.01 -0.30
N SER A 152 -5.03 23.29 -0.09
CA SER A 152 -6.44 23.70 0.04
C SER A 152 -7.13 23.97 -1.29
N LEU A 153 -6.43 23.86 -2.43
CA LEU A 153 -7.08 24.13 -3.70
C LEU A 153 -8.24 23.17 -3.92
N ARG A 154 -9.34 23.70 -4.42
CA ARG A 154 -10.58 22.95 -4.48
C ARG A 154 -10.63 22.02 -5.68
N GLY A 155 -11.09 20.78 -5.44
CA GLY A 155 -11.01 19.75 -6.48
C GLY A 155 -11.89 20.04 -7.70
N LYS A 156 -13.08 20.60 -7.48
CA LYS A 156 -13.96 20.91 -8.58
C LYS A 156 -13.29 21.86 -9.58
N GLU A 157 -12.71 22.97 -9.08
CA GLU A 157 -12.11 23.91 -10.03
C GLU A 157 -10.86 23.34 -10.67
N LEU A 158 -10.05 22.58 -9.91
CA LEU A 158 -8.89 21.92 -10.51
C LEU A 158 -9.32 20.97 -11.61
N ARG A 159 -10.35 20.15 -11.33
N ARG A 159 -10.34 20.16 -11.33
CA ARG A 159 -10.83 19.18 -12.32
CA ARG A 159 -10.82 19.16 -12.33
C ARG A 159 -11.34 19.89 -13.56
C ARG A 159 -11.34 19.90 -13.56
N GLU A 160 -12.04 21.01 -13.37
CA GLU A 160 -12.54 21.75 -14.53
C GLU A 160 -11.40 22.31 -15.37
N ASN A 161 -10.24 22.50 -14.77
CA ASN A 161 -9.10 23.02 -15.50
C ASN A 161 -8.11 21.94 -15.93
N GLY A 162 -8.46 20.67 -15.78
CA GLY A 162 -7.59 19.57 -16.16
C GLY A 162 -6.30 19.56 -15.38
N ILE A 163 -6.35 19.87 -14.07
CA ILE A 163 -5.15 19.82 -13.23
C ILE A 163 -5.42 18.86 -12.08
N ASN A 164 -4.49 17.95 -11.85
CA ASN A 164 -4.59 16.94 -10.81
C ASN A 164 -3.73 17.33 -9.60
N ARG A 165 -4.25 17.13 -8.38
CA ARG A 165 -3.51 17.54 -7.19
C ARG A 165 -2.87 16.37 -6.47
N ILE A 166 -1.63 16.57 -6.00
CA ILE A 166 -0.90 15.59 -5.19
C ILE A 166 -0.39 16.39 -3.99
N GLY A 167 -1.15 16.38 -2.87
CA GLY A 167 -0.68 17.21 -1.75
C GLY A 167 -0.68 18.68 -2.16
N ASN A 168 0.43 19.39 -2.00
CA ASN A 168 0.47 20.78 -2.49
C ASN A 168 1.16 20.87 -3.84
N LEU A 169 1.14 19.80 -4.61
CA LEU A 169 1.72 19.78 -5.96
C LEU A 169 0.62 19.60 -6.98
N LEU A 170 0.95 19.92 -8.26
CA LEU A 170 -0.08 19.94 -9.31
C LEU A 170 0.49 19.29 -10.57
N VAL A 171 -0.26 18.37 -11.18
CA VAL A 171 0.18 17.66 -12.42
C VAL A 171 -0.90 17.89 -13.47
N PRO A 172 -0.65 18.67 -14.53
CA PRO A 172 -1.66 18.84 -15.57
C PRO A 172 -1.99 17.51 -16.26
N ASN A 173 -3.25 17.36 -16.71
CA ASN A 173 -3.64 16.18 -17.45
C ASN A 173 -2.69 15.94 -18.60
N GLU A 174 -2.23 17.01 -19.25
CA GLU A 174 -1.42 16.81 -20.46
C GLU A 174 -0.14 16.02 -20.18
N ASN A 175 0.37 16.05 -18.93
CA ASN A 175 1.55 15.23 -18.61
C ASN A 175 1.26 13.74 -18.89
N TYR A 176 0.03 13.30 -18.59
CA TYR A 176 -0.34 11.89 -18.77
C TYR A 176 -0.58 11.57 -20.24
N LYS A 178 1.21 12.91 -22.65
CA LYS A 178 2.59 12.75 -23.14
C LYS A 178 3.19 11.39 -22.75
N PHE A 179 2.87 10.99 -21.52
CA PHE A 179 3.25 9.67 -21.02
C PHE A 179 2.66 8.57 -21.88
N GLU A 180 1.36 8.67 -22.18
CA GLU A 180 0.72 7.68 -23.03
C GLU A 180 1.45 7.54 -24.37
N ASP A 181 1.67 8.67 -25.04
CA ASP A 181 2.30 8.65 -26.35
C ASP A 181 3.66 7.99 -26.29
N TRP A 182 4.42 8.27 -25.23
CA TRP A 182 5.76 7.75 -25.08
C TRP A 182 5.74 6.26 -24.80
N LEU A 183 4.77 5.83 -23.99
CA LEU A 183 4.73 4.47 -23.46
C LEU A 183 4.16 3.45 -24.46
N MET A 184 3.15 3.81 -25.27
CA MET A 184 2.47 2.80 -26.08
C MET A 184 3.42 1.98 -26.96
N PRO A 185 4.38 2.57 -27.69
CA PRO A 185 5.22 1.71 -28.55
C PRO A 185 6.14 0.82 -27.75
N ILE A 186 6.50 1.22 -26.53
CA ILE A 186 7.31 0.36 -25.68
C ILE A 186 6.49 -0.87 -25.24
N LEU A 187 5.23 -0.64 -24.78
CA LEU A 187 4.37 -1.77 -24.47
C LEU A 187 4.19 -2.71 -25.65
N ASP A 188 4.01 -2.17 -26.86
CA ASP A 188 4.03 -3.00 -28.07
C ASP A 188 5.27 -3.90 -28.14
N GLN A 189 6.45 -3.33 -27.94
CA GLN A 189 7.67 -4.15 -28.04
C GLN A 189 7.67 -5.20 -26.93
N MET A 190 7.23 -4.83 -25.74
CA MET A 190 7.22 -5.78 -24.65
C MET A 190 6.34 -6.98 -24.98
N VAL A 191 5.15 -6.73 -25.54
CA VAL A 191 4.29 -7.87 -25.86
C VAL A 191 4.92 -8.71 -26.94
N MET A 192 5.56 -8.08 -27.92
CA MET A 192 6.21 -8.83 -28.99
C MET A 192 7.33 -9.70 -28.43
N GLU A 193 8.12 -9.15 -27.48
CA GLU A 193 9.24 -9.91 -26.89
C GLU A 193 8.75 -11.07 -26.03
N GLN A 194 7.64 -10.86 -25.32
CA GLN A 194 7.05 -11.95 -24.55
C GLN A 194 6.60 -13.09 -25.45
N ASN A 195 5.91 -12.78 -26.56
CA ASN A 195 5.27 -13.84 -27.32
C ASN A 195 6.21 -14.52 -28.30
N THR A 196 7.30 -13.88 -28.70
CA THR A 196 8.21 -14.48 -29.67
C THR A 196 9.65 -14.62 -29.19
N GLU A 197 10.05 -14.02 -28.07
CA GLU A 197 11.41 -14.19 -27.55
C GLU A 197 11.43 -14.79 -26.16
N GLY A 198 10.30 -15.33 -25.70
CA GLY A 198 10.26 -16.01 -24.42
C GLY A 198 10.41 -15.14 -23.18
N VAL A 199 10.27 -13.82 -23.30
CA VAL A 199 10.45 -12.97 -22.11
C VAL A 199 9.30 -13.16 -21.14
N LYS A 200 9.61 -13.31 -19.83
CA LYS A 200 8.61 -13.49 -18.78
C LYS A 200 8.68 -12.20 -17.97
N TRP A 201 7.78 -11.27 -18.26
CA TRP A 201 7.88 -9.96 -17.60
C TRP A 201 7.43 -10.02 -16.14
N THR A 202 8.09 -9.21 -15.33
CA THR A 202 7.74 -8.91 -13.95
C THR A 202 7.87 -7.43 -13.78
N PRO A 203 7.32 -6.87 -12.67
CA PRO A 203 7.54 -5.45 -12.42
C PRO A 203 8.98 -5.00 -12.49
N SER A 204 9.92 -5.68 -11.81
CA SER A 204 11.31 -5.20 -11.85
C SER A 204 11.86 -5.22 -13.28
N LYS A 205 11.52 -6.24 -14.05
CA LYS A 205 12.07 -6.29 -15.43
C LYS A 205 11.47 -5.17 -16.27
N MET A 206 10.17 -4.89 -16.05
CA MET A 206 9.54 -3.79 -16.77
C MET A 206 10.16 -2.47 -16.38
N ILE A 207 10.41 -2.26 -15.08
CA ILE A 207 10.96 -0.98 -14.63
C ILE A 207 12.36 -0.77 -15.21
N ALA A 208 13.16 -1.85 -15.28
CA ALA A 208 14.48 -1.75 -15.90
C ALA A 208 14.35 -1.31 -17.36
N ARG A 209 13.38 -1.90 -18.07
CA ARG A 209 13.22 -1.56 -19.49
C ARG A 209 12.78 -0.11 -19.63
N LEU A 210 11.86 0.35 -18.78
CA LEU A 210 11.38 1.74 -18.91
C LEU A 210 12.49 2.73 -18.60
N GLY A 211 13.35 2.43 -17.62
CA GLY A 211 14.48 3.31 -17.36
C GLY A 211 15.43 3.35 -18.57
N LYS A 212 15.66 2.20 -19.22
CA LYS A 212 16.52 2.24 -20.38
C LYS A 212 15.89 3.08 -21.48
N GLU A 213 14.60 2.92 -21.70
CA GLU A 213 13.93 3.65 -22.76
C GLU A 213 13.87 5.15 -22.49
N ILE A 214 13.63 5.56 -21.23
CA ILE A 214 13.53 6.99 -21.02
C ILE A 214 14.84 7.69 -21.34
N ASN A 215 15.98 7.04 -21.11
CA ASN A 215 17.26 7.45 -21.69
C ASN A 215 17.57 8.90 -21.34
N ASN A 216 17.46 9.23 -20.05
CA ASN A 216 17.52 10.61 -19.63
C ASN A 216 18.19 10.61 -18.26
N PRO A 217 19.27 11.37 -18.05
CA PRO A 217 20.01 11.26 -16.80
C PRO A 217 19.36 11.95 -15.61
N GLU A 218 18.22 12.59 -15.85
CA GLU A 218 17.45 13.08 -14.69
C GLU A 218 16.59 11.99 -14.05
N SER A 219 16.50 10.82 -14.68
CA SER A 219 15.57 9.78 -14.26
C SER A 219 16.25 8.82 -13.28
N VAL A 220 15.60 8.59 -12.13
CA VAL A 220 16.02 7.53 -11.19
C VAL A 220 16.19 6.21 -11.93
N TYR A 221 15.20 5.83 -12.73
CA TYR A 221 15.20 4.45 -13.23
C TYR A 221 16.12 4.29 -14.41
N TYR A 222 16.44 5.38 -15.11
CA TYR A 222 17.54 5.31 -16.08
C TYR A 222 18.84 4.88 -15.38
N TRP A 223 19.20 5.56 -14.27
CA TRP A 223 20.38 5.18 -13.51
C TRP A 223 20.27 3.78 -12.90
N ALA A 224 19.11 3.42 -12.33
CA ALA A 224 19.02 2.08 -11.71
C ALA A 224 19.37 0.96 -12.71
N GLN A 225 18.82 1.02 -13.92
CA GLN A 225 19.12 -0.07 -14.84
C GLN A 225 20.56 0.00 -15.32
N LYS A 226 21.06 1.21 -15.54
CA LYS A 226 22.47 1.37 -15.95
C LYS A 226 23.42 0.75 -14.93
N ASN A 227 23.08 0.91 -13.63
CA ASN A 227 23.92 0.45 -12.53
C ASN A 227 23.48 -0.89 -11.99
N HIS A 228 22.55 -1.56 -12.67
CA HIS A 228 22.05 -2.87 -12.25
C HIS A 228 21.52 -2.88 -10.81
N ILE A 229 20.77 -1.84 -10.46
CA ILE A 229 20.03 -1.79 -9.20
C ILE A 229 18.59 -2.19 -9.52
N PRO A 230 18.10 -3.32 -9.00
CA PRO A 230 16.73 -3.75 -9.30
C PRO A 230 15.72 -2.89 -8.55
N VAL A 231 14.53 -2.75 -9.14
CA VAL A 231 13.44 -1.99 -8.50
C VAL A 231 12.24 -2.92 -8.37
N PHE A 232 11.76 -3.13 -7.14
CA PHE A 232 10.62 -4.01 -6.90
C PHE A 232 9.41 -3.15 -6.60
N SER A 233 8.26 -3.57 -7.13
CA SER A 233 7.02 -2.81 -7.05
C SER A 233 5.88 -3.80 -7.30
N PRO A 234 5.51 -4.60 -6.32
CA PRO A 234 4.60 -5.72 -6.61
C PRO A 234 3.19 -5.30 -6.98
N ALA A 235 2.74 -4.07 -6.65
CA ALA A 235 1.45 -3.60 -7.14
C ALA A 235 1.69 -2.55 -8.23
N LEU A 236 2.49 -2.91 -9.24
CA LEU A 236 2.84 -1.88 -10.22
C LEU A 236 1.63 -1.43 -11.04
N THR A 237 0.54 -2.21 -11.05
CA THR A 237 -0.67 -1.78 -11.76
C THR A 237 -1.45 -0.62 -11.05
N ASP A 238 -1.07 -0.20 -9.84
CA ASP A 238 -1.92 0.71 -9.05
C ASP A 238 -1.50 2.17 -9.29
N GLY A 239 -1.83 2.68 -10.46
CA GLY A 239 -1.43 4.03 -10.84
C GLY A 239 -1.62 4.24 -12.34
N SER A 240 -0.94 5.25 -12.88
CA SER A 240 -1.15 5.62 -14.29
C SER A 240 -0.50 4.60 -15.25
N LEU A 241 0.65 4.02 -14.87
CA LEU A 241 1.21 2.96 -15.72
C LEU A 241 0.23 1.80 -15.82
N GLY A 242 -0.47 1.50 -14.72
CA GLY A 242 -1.55 0.53 -14.82
C GLY A 242 -2.64 0.96 -15.79
N ASP A 243 -3.11 2.21 -15.68
CA ASP A 243 -4.14 2.70 -16.60
C ASP A 243 -3.67 2.44 -18.03
N MET A 244 -2.41 2.79 -18.30
CA MET A 244 -1.87 2.69 -19.67
C MET A 244 -1.79 1.24 -20.10
N ILE A 245 -1.31 0.35 -19.22
CA ILE A 245 -1.29 -1.07 -19.55
C ILE A 245 -2.70 -1.55 -19.86
N PHE A 246 -3.66 -1.12 -19.05
CA PHE A 246 -5.06 -1.48 -19.23
C PHE A 246 -5.57 -1.04 -20.59
N PHE A 247 -5.40 0.25 -20.94
CA PHE A 247 -5.88 0.72 -22.25
C PHE A 247 -5.14 0.00 -23.37
N HIS A 248 -3.85 -0.15 -23.20
CA HIS A 248 -3.05 -0.77 -24.26
C HIS A 248 -3.51 -2.20 -24.53
N SER A 249 -3.98 -2.91 -23.48
CA SER A 249 -4.35 -4.31 -23.64
C SER A 249 -5.57 -4.52 -24.50
N TYR A 250 -6.41 -3.51 -24.68
CA TYR A 250 -7.54 -3.63 -25.59
C TYR A 250 -7.15 -3.36 -27.06
N LYS A 251 -5.96 -2.78 -27.27
CA LYS A 251 -5.36 -2.59 -28.61
C LYS A 251 -4.34 -3.65 -28.96
N ASN A 252 -3.75 -4.29 -27.96
CA ASN A 252 -2.71 -5.27 -28.15
C ASN A 252 -2.71 -6.19 -26.96
N PRO A 253 -3.58 -7.18 -26.97
CA PRO A 253 -3.69 -7.99 -25.77
C PRO A 253 -2.64 -8.97 -25.38
N GLY A 254 -2.57 -9.27 -24.09
CA GLY A 254 -1.78 -10.41 -23.68
C GLY A 254 -0.59 -10.13 -22.80
N LEU A 255 -0.18 -8.88 -22.54
CA LEU A 255 0.94 -8.66 -21.64
C LEU A 255 0.62 -9.30 -20.31
N VAL A 256 1.61 -9.98 -19.71
CA VAL A 256 1.47 -10.54 -18.36
C VAL A 256 2.59 -9.95 -17.49
N LEU A 257 2.27 -9.57 -16.24
CA LEU A 257 3.30 -9.20 -15.27
C LEU A 257 3.18 -10.17 -14.09
N ASP A 258 4.20 -10.99 -13.88
CA ASP A 258 4.23 -12.00 -12.83
C ASP A 258 4.87 -11.41 -11.57
N ILE A 259 4.19 -11.55 -10.42
CA ILE A 259 4.87 -11.11 -9.19
C ILE A 259 5.62 -12.20 -8.44
N VAL A 260 5.43 -13.46 -8.79
CA VAL A 260 6.13 -14.52 -8.07
C VAL A 260 7.64 -14.47 -8.31
N GLU A 261 8.07 -14.41 -9.57
CA GLU A 261 9.52 -14.38 -9.80
C GLU A 261 10.18 -13.17 -9.11
N ASP A 262 9.45 -12.03 -9.02
CA ASP A 262 9.99 -10.83 -8.39
C ASP A 262 10.12 -11.03 -6.87
N LEU A 263 9.25 -11.84 -6.28
CA LEU A 263 9.40 -12.19 -4.86
C LEU A 263 10.66 -13.02 -4.64
N ARG A 264 10.94 -14.01 -5.53
CA ARG A 264 12.19 -14.75 -5.43
C ARG A 264 13.41 -13.83 -5.57
N LEU A 265 13.36 -12.87 -6.50
CA LEU A 265 14.50 -11.99 -6.72
C LEU A 265 14.76 -11.09 -5.49
N ILE A 266 13.73 -10.47 -4.91
CA ILE A 266 14.05 -9.59 -3.77
C ILE A 266 14.49 -10.41 -2.56
N ASN A 267 13.82 -11.54 -2.31
CA ASN A 267 14.16 -12.32 -1.12
C ASN A 267 15.60 -12.84 -1.20
N THR A 268 16.03 -13.25 -2.38
CA THR A 268 17.40 -13.73 -2.45
C THR A 268 18.42 -12.58 -2.36
N GLN A 269 18.04 -11.34 -2.68
CA GLN A 269 18.95 -10.24 -2.35
C GLN A 269 19.24 -10.18 -0.85
N ALA A 270 18.25 -10.48 -0.01
CA ALA A 270 18.49 -10.45 1.42
C ALA A 270 19.22 -11.72 1.89
N ILE A 271 18.78 -12.88 1.40
CA ILE A 271 19.29 -14.14 1.92
C ILE A 271 20.79 -14.25 1.70
N PHE A 272 21.27 -13.79 0.57
CA PHE A 272 22.69 -13.98 0.27
C PHE A 272 23.51 -12.74 0.58
N ALA A 273 22.97 -11.78 1.34
CA ALA A 273 23.77 -10.63 1.70
C ALA A 273 24.75 -11.00 2.80
N LYS A 274 25.81 -10.24 2.95
CA LYS A 274 26.75 -10.42 4.03
C LYS A 274 26.17 -9.71 5.23
N CYS A 275 25.71 -8.51 4.98
CA CYS A 275 25.08 -7.59 5.92
CA CYS A 275 24.99 -7.67 5.94
C CYS A 275 23.95 -6.90 5.16
N THR A 276 22.92 -6.38 5.89
CA THR A 276 21.92 -5.57 5.19
C THR A 276 21.57 -4.34 6.02
N GLY A 277 21.24 -3.25 5.34
CA GLY A 277 20.63 -2.11 6.00
C GLY A 277 19.38 -1.74 5.23
N MET A 278 18.42 -1.18 5.96
CA MET A 278 17.17 -0.71 5.37
C MET A 278 17.06 0.79 5.61
N ILE A 279 16.76 1.56 4.56
CA ILE A 279 16.45 2.98 4.71
C ILE A 279 15.07 3.15 4.09
N ILE A 280 14.06 3.51 4.88
CA ILE A 280 12.71 3.39 4.41
C ILE A 280 12.02 4.72 4.66
N LEU A 281 11.58 5.37 3.57
CA LEU A 281 10.88 6.64 3.62
C LEU A 281 9.40 6.37 3.46
N GLY A 282 8.60 6.59 4.55
CA GLY A 282 7.16 6.29 4.48
C GLY A 282 6.86 4.84 4.85
N GLY A 283 5.59 4.46 4.64
CA GLY A 283 5.07 3.21 5.20
C GLY A 283 4.32 2.43 4.11
N GLY A 284 3.60 1.34 4.42
CA GLY A 284 2.80 0.65 3.40
C GLY A 284 3.59 -0.50 2.80
N VAL A 285 3.22 -0.82 1.56
CA VAL A 285 3.92 -1.89 0.84
CA VAL A 285 3.97 -1.95 0.90
C VAL A 285 5.43 -1.69 0.83
N VAL A 286 5.91 -0.45 0.63
CA VAL A 286 7.37 -0.25 0.42
C VAL A 286 8.14 -0.61 1.66
N LYS A 287 7.51 -0.44 2.84
CA LYS A 287 8.22 -0.71 4.08
C LYS A 287 8.15 -2.18 4.42
N HIS A 288 6.95 -2.76 4.30
CA HIS A 288 6.79 -4.15 4.66
C HIS A 288 7.57 -5.05 3.69
N HIS A 289 7.59 -4.69 2.39
CA HIS A 289 8.21 -5.59 1.40
C HIS A 289 9.72 -5.74 1.63
N ILE A 290 10.36 -4.62 1.99
CA ILE A 290 11.78 -4.66 2.37
C ILE A 290 11.98 -5.40 3.67
N ALA A 291 11.17 -5.10 4.68
CA ALA A 291 11.36 -5.78 5.96
C ALA A 291 11.11 -7.28 5.83
N ASN A 292 10.13 -7.66 5.01
CA ASN A 292 9.83 -9.09 4.89
C ASN A 292 10.93 -9.86 4.14
N ALA A 293 11.56 -9.22 3.16
CA ALA A 293 12.74 -9.81 2.52
C ALA A 293 13.84 -10.00 3.55
N ASN A 294 13.96 -9.05 4.50
CA ASN A 294 15.03 -9.20 5.49
C ASN A 294 14.67 -10.19 6.59
N LEU A 295 13.37 -10.42 6.85
CA LEU A 295 12.95 -11.55 7.71
C LEU A 295 13.52 -12.88 7.23
N MET A 296 13.72 -13.02 5.91
CA MET A 296 14.25 -14.27 5.35
C MET A 296 15.65 -14.60 5.83
N ARG A 297 16.43 -13.60 6.23
CA ARG A 297 17.76 -13.81 6.77
C ARG A 297 17.80 -13.64 8.29
N ASN A 298 16.62 -13.66 8.93
CA ASN A 298 16.44 -13.39 10.36
C ASN A 298 16.83 -11.97 10.72
N GLY A 299 16.73 -11.05 9.77
CA GLY A 299 16.70 -9.66 10.20
C GLY A 299 17.81 -8.77 9.67
N ALA A 300 17.46 -7.52 9.44
CA ALA A 300 18.42 -6.54 8.97
C ALA A 300 19.37 -6.17 10.09
N ASP A 301 20.59 -5.83 9.70
CA ASP A 301 21.63 -5.41 10.64
C ASP A 301 21.51 -3.94 11.03
N TYR A 302 21.01 -3.10 10.12
CA TYR A 302 20.83 -1.66 10.31
C TYR A 302 19.47 -1.24 9.74
N ALA A 303 18.83 -0.27 10.39
CA ALA A 303 17.52 0.15 9.90
C ALA A 303 17.23 1.59 10.33
N VAL A 304 16.86 2.41 9.36
CA VAL A 304 16.50 3.83 9.56
C VAL A 304 15.19 4.05 8.84
N TYR A 305 14.20 4.55 9.58
CA TYR A 305 12.87 4.83 9.08
C TYR A 305 12.65 6.33 9.19
N ILE A 306 12.08 6.94 8.15
CA ILE A 306 11.60 8.31 8.30
C ILE A 306 10.15 8.26 7.87
N ASN A 307 9.20 8.43 8.81
N ASN A 307 9.24 8.45 8.80
CA ASN A 307 7.82 8.40 8.35
CA ASN A 307 7.81 8.22 8.47
C ASN A 307 6.97 9.11 9.37
C ASN A 307 6.93 9.04 9.41
N THR A 308 5.81 9.52 8.90
CA THR A 308 4.90 10.33 9.74
C THR A 308 3.82 9.49 10.41
N ALA A 309 3.76 8.19 10.16
CA ALA A 309 2.67 7.36 10.66
C ALA A 309 2.86 7.11 12.15
N GLN A 310 1.74 6.83 12.86
CA GLN A 310 1.81 6.57 14.29
C GLN A 310 1.29 5.16 14.60
N GLU A 311 1.65 4.62 15.79
CA GLU A 311 1.40 3.19 16.01
C GLU A 311 -0.04 2.85 16.41
N PHE A 312 -0.78 3.83 17.03
CA PHE A 312 -1.99 3.53 17.77
C PHE A 312 -3.07 2.81 16.97
N ASP A 313 -3.05 2.87 15.63
CA ASP A 313 -4.11 2.26 14.84
C ASP A 313 -3.73 0.83 14.41
N GLY A 314 -2.64 0.31 14.97
CA GLY A 314 -2.24 -1.07 14.73
C GLY A 314 -1.60 -1.26 13.38
N SER A 315 -1.45 -0.20 12.61
CA SER A 315 -0.98 -0.37 11.22
C SER A 315 0.49 -0.83 11.14
N ASP A 316 0.83 -1.52 10.04
CA ASP A 316 2.25 -1.76 9.77
C ASP A 316 2.99 -0.46 9.48
N SER A 317 2.38 0.48 8.73
CA SER A 317 3.06 1.76 8.47
CA SER A 317 3.11 1.69 8.54
C SER A 317 3.48 2.43 9.75
N GLY A 318 2.55 2.47 10.75
CA GLY A 318 2.83 3.16 11.99
C GLY A 318 3.60 2.38 13.01
N ALA A 319 3.90 1.10 12.76
CA ALA A 319 4.60 0.28 13.73
C ALA A 319 6.00 0.85 14.03
N ARG A 320 6.39 0.84 15.31
CA ARG A 320 7.75 1.20 15.70
C ARG A 320 8.72 0.13 15.20
N PRO A 321 10.00 0.45 15.07
CA PRO A 321 10.97 -0.61 14.71
C PRO A 321 10.94 -1.78 15.68
N ASP A 322 10.58 -1.55 16.94
CA ASP A 322 10.58 -2.67 17.88
C ASP A 322 9.49 -3.70 17.58
N GLU A 323 8.42 -3.31 16.87
CA GLU A 323 7.49 -4.36 16.44
C GLU A 323 8.21 -5.30 15.47
N ALA A 324 9.01 -4.71 14.56
CA ALA A 324 9.69 -5.56 13.56
C ALA A 324 10.70 -6.47 14.22
N VAL A 325 11.24 -6.06 15.36
CA VAL A 325 12.16 -6.95 16.08
C VAL A 325 11.44 -8.24 16.53
N SER A 326 10.16 -8.14 16.94
CA SER A 326 9.44 -9.33 17.42
C SER A 326 9.28 -10.38 16.30
N TRP A 327 9.16 -9.92 15.07
CA TRP A 327 9.02 -10.78 13.90
C TRP A 327 10.33 -11.38 13.44
N GLY A 328 11.46 -10.78 13.81
CA GLY A 328 12.74 -11.11 13.21
C GLY A 328 13.06 -10.34 11.94
N LYS A 329 12.34 -9.22 11.66
CA LYS A 329 12.64 -8.41 10.48
C LYS A 329 13.85 -7.53 10.72
N ILE A 330 14.13 -7.23 11.98
CA ILE A 330 15.30 -6.51 12.44
C ILE A 330 16.00 -7.35 13.48
N ARG A 331 17.33 -7.48 13.38
CA ARG A 331 18.03 -8.32 14.36
C ARG A 331 17.87 -7.75 15.77
N VAL A 332 17.88 -8.61 16.78
CA VAL A 332 17.75 -8.11 18.14
C VAL A 332 18.91 -7.27 18.60
N ASP A 333 20.03 -7.39 17.94
CA ASP A 333 21.22 -6.66 18.29
C ASP A 333 21.39 -5.39 17.49
N ALA A 334 20.49 -5.13 16.59
CA ALA A 334 20.58 -3.94 15.82
C ALA A 334 20.14 -2.74 16.64
N GLN A 335 20.44 -1.57 16.15
CA GLN A 335 20.05 -0.34 16.85
C GLN A 335 19.24 0.53 15.91
N PRO A 336 18.01 0.14 15.63
CA PRO A 336 17.26 0.86 14.59
C PRO A 336 16.81 2.22 15.10
N VAL A 337 16.51 3.10 14.14
CA VAL A 337 16.15 4.50 14.42
C VAL A 337 14.93 4.85 13.59
N LYS A 338 13.91 5.46 14.22
CA LYS A 338 12.84 6.09 13.45
C LYS A 338 12.82 7.58 13.72
N VAL A 339 12.78 8.37 12.64
CA VAL A 339 12.55 9.83 12.72
C VAL A 339 11.10 10.10 12.34
N TYR A 340 10.33 10.74 13.23
CA TYR A 340 8.93 11.05 12.97
C TYR A 340 8.88 12.40 12.31
N ALA A 341 8.81 12.42 10.98
CA ALA A 341 8.87 13.70 10.28
C ALA A 341 8.56 13.46 8.82
N ASP A 342 8.09 14.52 8.17
CA ASP A 342 8.00 14.50 6.68
C ASP A 342 9.39 14.34 6.05
N ALA A 343 9.55 13.29 5.21
CA ALA A 343 10.84 13.06 4.59
C ALA A 343 11.27 14.18 3.60
N SER A 344 10.33 14.98 3.09
CA SER A 344 10.76 16.08 2.20
C SER A 344 11.63 17.08 2.94
N LEU A 345 11.44 17.22 4.27
CA LEU A 345 12.34 18.02 5.08
C LEU A 345 13.62 17.26 5.43
N VAL A 346 13.47 16.07 5.94
CA VAL A 346 14.62 15.40 6.60
C VAL A 346 15.53 14.61 5.66
N PHE A 347 15.00 14.06 4.59
CA PHE A 347 15.90 13.20 3.79
C PHE A 347 17.04 13.96 3.12
N PRO A 348 16.85 15.18 2.55
CA PRO A 348 18.01 15.86 1.95
C PRO A 348 19.07 16.14 3.00
N LEU A 349 18.66 16.51 4.23
CA LEU A 349 19.65 16.73 5.28
C LEU A 349 20.36 15.45 5.65
N LEU A 350 19.64 14.34 5.70
CA LEU A 350 20.29 13.07 6.04
C LEU A 350 21.34 12.70 4.98
N VAL A 351 20.98 12.86 3.70
CA VAL A 351 21.93 12.54 2.63
C VAL A 351 23.13 13.47 2.69
N ALA A 352 22.90 14.76 3.01
CA ALA A 352 24.02 15.71 3.09
C ALA A 352 25.08 15.25 4.08
N GLU A 353 24.63 14.67 5.19
CA GLU A 353 25.52 14.30 6.28
C GLU A 353 26.04 12.88 6.17
N THR A 354 25.60 12.14 5.13
CA THR A 354 26.00 10.75 5.06
C THR A 354 26.61 10.42 3.69
N PHE A 355 25.77 9.94 2.75
CA PHE A 355 26.23 9.54 1.42
C PHE A 355 26.97 10.67 0.72
N ALA A 356 26.47 11.91 0.83
CA ALA A 356 27.15 12.95 0.04
C ALA A 356 28.51 13.29 0.61
N GLN A 357 28.81 12.85 1.82
CA GLN A 357 30.13 13.12 2.44
C GLN A 357 31.14 12.06 1.99
N LYS A 358 30.66 10.88 1.70
CA LYS A 358 31.51 9.78 1.34
C LYS A 358 31.52 9.56 -0.11
N MET A 359 31.35 10.59 -0.87
CA MET A 359 31.26 10.44 -2.29
C MET A 359 32.54 9.99 -2.96
N ASP A 360 33.69 10.33 -2.39
CA ASP A 360 34.94 9.92 -2.99
C ASP A 360 35.09 8.42 -3.00
N ALA A 361 34.58 7.78 -1.98
CA ALA A 361 34.62 6.30 -1.91
C ALA A 361 33.68 5.70 -2.95
N PHE A 362 32.76 6.47 -3.50
CA PHE A 362 31.87 5.83 -4.48
C PHE A 362 32.29 6.30 -5.90
N MET A 363 33.07 6.81 -5.69
CA MET A 363 33.41 7.47 -6.98
C MET A 363 34.60 6.73 -7.60
N SER B 28 -30.13 25.83 9.38
CA SER B 28 -28.87 25.66 10.11
C SER B 28 -29.02 24.84 11.37
N THR B 29 -28.19 23.83 11.51
CA THR B 29 -28.34 22.84 12.58
C THR B 29 -27.51 23.23 13.80
N GLN B 30 -28.15 23.23 14.96
CA GLN B 30 -27.47 23.63 16.18
C GLN B 30 -26.67 22.49 16.79
N VAL B 31 -25.54 22.85 17.40
CA VAL B 31 -24.75 21.87 18.16
C VAL B 31 -25.50 21.48 19.45
N ARG B 32 -25.62 20.19 19.67
CA ARG B 32 -26.29 19.69 20.88
C ARG B 32 -25.91 18.22 21.05
N GLY B 33 -25.41 17.88 22.23
CA GLY B 33 -25.03 16.50 22.49
C GLY B 33 -26.19 15.70 23.05
N TYR B 34 -26.01 14.36 23.08
CA TYR B 34 -27.01 13.51 23.71
C TYR B 34 -27.14 13.85 25.19
N ASP B 35 -28.37 13.93 25.68
CA ASP B 35 -28.67 14.27 27.09
C ASP B 35 -28.93 12.96 27.86
N PHE B 36 -27.97 12.54 28.69
CA PHE B 36 -28.19 11.29 29.44
C PHE B 36 -29.25 11.39 30.52
N ASN B 37 -29.79 12.59 30.78
CA ASN B 37 -31.00 12.58 31.61
C ASN B 37 -32.13 11.81 30.98
N ARG B 38 -32.06 11.55 29.67
CA ARG B 38 -33.05 10.72 29.01
C ARG B 38 -32.85 9.23 29.28
N GLY B 39 -31.76 8.85 29.97
CA GLY B 39 -31.39 7.44 30.17
C GLY B 39 -30.48 7.03 29.02
N VAL B 40 -30.11 5.76 28.98
CA VAL B 40 -29.21 5.24 27.93
C VAL B 40 -30.07 4.65 26.82
N ASN B 41 -30.51 5.50 25.90
CA ASN B 41 -31.21 5.08 24.69
C ASN B 41 -30.15 5.02 23.60
N TYR B 42 -29.58 3.83 23.33
CA TYR B 42 -28.35 3.75 22.54
C TYR B 42 -28.57 4.24 21.09
N ARG B 43 -29.74 3.97 20.50
CA ARG B 43 -29.98 4.46 19.15
C ARG B 43 -30.03 5.99 19.09
N ALA B 44 -30.70 6.62 20.08
CA ALA B 44 -30.74 8.08 20.14
C ALA B 44 -29.35 8.64 20.40
N LEU B 45 -28.56 7.94 21.22
CA LEU B 45 -27.19 8.37 21.49
C LEU B 45 -26.34 8.32 20.20
N LEU B 46 -26.50 7.29 19.40
CA LEU B 46 -25.73 7.25 18.14
CA LEU B 46 -25.68 7.19 18.21
C LEU B 46 -26.24 8.32 17.20
N GLU B 47 -27.54 8.51 17.13
CA GLU B 47 -28.06 9.57 16.25
C GLU B 47 -27.53 10.93 16.66
N ALA B 48 -27.32 11.16 17.95
CA ALA B 48 -26.82 12.46 18.42
C ALA B 48 -25.39 12.74 18.00
N PHE B 49 -24.63 11.76 17.50
CA PHE B 49 -23.30 12.11 17.01
C PHE B 49 -23.39 13.18 15.94
N GLY B 50 -24.43 13.14 15.09
CA GLY B 50 -24.52 14.10 14.01
C GLY B 50 -24.45 15.57 14.42
N THR B 51 -25.05 15.92 15.59
CA THR B 51 -25.05 17.30 16.06
C THR B 51 -24.02 17.53 17.16
N THR B 52 -23.12 16.57 17.39
CA THR B 52 -22.15 16.74 18.47
C THR B 52 -20.91 17.49 18.02
N GLY B 53 -20.56 17.43 16.72
CA GLY B 53 -19.46 18.22 16.22
C GLY B 53 -18.19 17.39 16.02
N PHE B 54 -17.19 18.03 15.40
CA PHE B 54 -15.87 17.41 15.10
C PHE B 54 -16.06 16.04 14.43
N GLN B 55 -15.30 15.00 14.84
CA GLN B 55 -15.47 13.73 14.10
C GLN B 55 -16.78 13.03 14.42
N ALA B 56 -17.49 13.38 15.53
CA ALA B 56 -18.80 12.76 15.70
C ALA B 56 -19.74 13.20 14.59
N THR B 57 -19.66 14.48 14.21
CA THR B 57 -20.50 14.95 13.10
C THR B 57 -20.09 14.26 11.79
N ASN B 58 -18.81 13.99 11.61
CA ASN B 58 -18.43 13.31 10.36
C ASN B 58 -18.94 11.87 10.35
N PHE B 59 -18.95 11.22 11.53
CA PHE B 59 -19.59 9.91 11.64
C PHE B 59 -21.07 9.97 11.22
N GLY B 60 -21.85 10.94 11.75
CA GLY B 60 -23.24 11.06 11.32
C GLY B 60 -23.34 11.23 9.81
N ARG B 61 -22.45 12.02 9.22
CA ARG B 61 -22.46 12.22 7.77
CA ARG B 61 -22.49 12.22 7.78
C ARG B 61 -22.11 10.94 7.04
N ALA B 62 -21.21 10.15 7.64
CA ALA B 62 -20.85 8.90 7.00
C ALA B 62 -22.00 7.91 7.08
N VAL B 63 -22.77 7.91 8.19
CA VAL B 63 -23.96 7.08 8.22
C VAL B 63 -24.92 7.48 7.11
N GLN B 64 -25.17 8.78 6.94
CA GLN B 64 -26.08 9.23 5.88
C GLN B 64 -25.59 8.79 4.50
N GLN B 65 -24.30 8.89 4.23
N GLN B 65 -24.30 8.90 4.22
CA GLN B 65 -23.76 8.50 2.91
CA GLN B 65 -23.80 8.51 2.91
C GLN B 65 -23.86 7.01 2.66
C GLN B 65 -23.90 7.01 2.68
N VAL B 66 -23.48 6.23 3.64
CA VAL B 66 -23.63 4.78 3.49
C VAL B 66 -25.09 4.42 3.31
N ASN B 67 -26.00 5.03 4.11
CA ASN B 67 -27.41 4.69 3.88
C ASN B 67 -27.89 5.11 2.49
N ALA B 68 -27.32 6.18 1.92
CA ALA B 68 -27.68 6.57 0.56
C ALA B 68 -27.19 5.53 -0.45
N MET B 69 -25.99 4.95 -0.24
CA MET B 69 -25.50 3.85 -1.09
C MET B 69 -26.43 2.68 -1.01
N ILE B 70 -26.88 2.33 0.22
CA ILE B 70 -27.75 1.17 0.35
C ILE B 70 -29.08 1.45 -0.30
N GLU B 71 -29.65 2.63 -0.04
N GLU B 71 -29.65 2.62 -0.05
CA GLU B 71 -30.94 2.92 -0.66
CA GLU B 71 -30.96 2.90 -0.68
C GLU B 71 -30.83 2.88 -2.19
C GLU B 71 -30.80 2.83 -2.20
N LYS B 72 -29.71 3.38 -2.74
CA LYS B 72 -29.51 3.29 -4.19
C LYS B 72 -29.41 1.84 -4.63
N LYS B 73 -28.63 1.04 -3.90
CA LYS B 73 -28.44 -0.37 -4.26
C LYS B 73 -29.75 -1.10 -4.31
N LEU B 74 -30.67 -0.79 -3.41
CA LEU B 74 -31.94 -1.53 -3.40
C LEU B 74 -32.93 -1.00 -4.42
N GLU B 75 -32.63 0.07 -5.13
CA GLU B 75 -33.56 0.57 -6.12
C GLU B 75 -33.52 -0.34 -7.35
N PRO B 76 -34.67 -0.65 -7.97
CA PRO B 76 -34.66 -1.56 -9.13
C PRO B 76 -33.85 -1.00 -10.29
N LEU B 77 -33.29 -1.91 -11.10
CA LEU B 77 -32.67 -1.48 -12.35
C LEU B 77 -33.74 -1.26 -13.40
N SER B 78 -33.70 -0.11 -14.09
CA SER B 78 -34.57 0.04 -15.26
C SER B 78 -34.04 -0.87 -16.38
N GLN B 79 -34.87 -1.11 -17.38
CA GLN B 79 -34.41 -1.90 -18.53
C GLN B 79 -33.17 -1.30 -19.20
N ASP B 80 -33.13 0.03 -19.36
CA ASP B 80 -31.93 0.61 -19.95
C ASP B 80 -30.71 0.40 -19.05
N GLU B 81 -30.89 0.57 -17.74
CA GLU B 81 -29.76 0.38 -16.83
C GLU B 81 -29.34 -1.07 -16.78
N ASP B 82 -30.31 -1.97 -16.78
CA ASP B 82 -30.02 -3.39 -16.71
C ASP B 82 -29.16 -3.82 -17.88
N GLN B 83 -29.51 -3.32 -19.08
CA GLN B 83 -28.73 -3.60 -20.28
C GLN B 83 -27.26 -3.19 -20.12
N HIS B 84 -27.02 -1.90 -19.83
CA HIS B 84 -25.65 -1.37 -19.83
C HIS B 84 -24.78 -2.05 -18.78
N ALA B 85 -25.39 -2.49 -17.68
CA ALA B 85 -24.63 -3.07 -16.59
C ALA B 85 -24.49 -4.59 -16.70
N ASP B 86 -25.38 -5.25 -17.45
CA ASP B 86 -25.24 -6.66 -17.82
C ASP B 86 -24.03 -6.91 -18.73
N LEU B 87 -23.25 -5.87 -19.07
CA LEU B 87 -22.13 -6.01 -20.02
C LEU B 87 -20.85 -6.56 -19.37
N THR B 88 -20.94 -7.05 -18.15
CA THR B 88 -19.92 -7.91 -17.55
C THR B 88 -20.47 -9.33 -17.48
N GLN B 89 -19.58 -10.29 -17.72
CA GLN B 89 -19.97 -11.67 -17.61
C GLN B 89 -19.67 -12.15 -16.21
N SER B 90 -20.02 -11.36 -15.20
CA SER B 90 -19.83 -11.78 -13.82
C SER B 90 -21.10 -12.52 -13.38
N ARG B 91 -20.93 -13.66 -12.71
CA ARG B 91 -22.06 -14.47 -12.29
C ARG B 91 -22.82 -13.83 -11.14
N ARG B 92 -22.31 -12.72 -10.69
CA ARG B 92 -22.93 -12.00 -9.57
C ARG B 92 -24.01 -11.08 -10.13
N PRO B 93 -25.27 -11.20 -9.69
CA PRO B 93 -26.34 -10.35 -10.24
C PRO B 93 -26.07 -8.88 -9.96
N LEU B 94 -26.33 -8.05 -10.96
CA LEU B 94 -25.96 -6.65 -10.90
C LEU B 94 -27.02 -5.88 -10.10
N THR B 95 -26.60 -4.82 -9.41
CA THR B 95 -27.54 -4.01 -8.63
C THR B 95 -27.41 -2.55 -9.04
N SER B 96 -28.25 -1.72 -8.42
CA SER B 96 -28.20 -0.30 -8.74
C SER B 96 -27.05 0.43 -8.13
N CYS B 97 -26.29 -0.17 -7.20
CA CYS B 97 -25.08 0.51 -6.74
C CYS B 97 -24.05 -0.53 -6.38
N THR B 98 -22.91 -0.52 -7.11
CA THR B 98 -21.82 -1.44 -6.85
C THR B 98 -20.96 -0.85 -5.75
N ILE B 99 -20.83 -1.55 -4.61
CA ILE B 99 -20.11 -1.03 -3.46
C ILE B 99 -18.76 -1.74 -3.36
N PHE B 100 -17.69 -0.94 -3.29
CA PHE B 100 -16.30 -1.40 -3.13
C PHE B 100 -15.95 -1.22 -1.66
N LEU B 101 -15.51 -2.28 -1.01
CA LEU B 101 -15.10 -2.19 0.39
C LEU B 101 -13.60 -2.48 0.45
N GLY B 102 -12.82 -1.53 0.95
CA GLY B 102 -11.38 -1.71 1.09
C GLY B 102 -10.95 -1.63 2.54
N TYR B 103 -9.93 -2.40 2.89
CA TYR B 103 -9.45 -2.37 4.26
C TYR B 103 -8.00 -2.84 4.32
N THR B 104 -7.23 -2.26 5.25
CA THR B 104 -5.83 -2.64 5.44
C THR B 104 -5.70 -3.97 6.18
N SER B 105 -4.50 -4.58 6.10
CA SER B 105 -4.30 -5.95 6.59
CA SER B 105 -4.32 -5.95 6.59
C SER B 105 -4.56 -6.03 8.10
N ASN B 106 -4.05 -5.05 8.86
CA ASN B 106 -4.20 -5.07 10.32
C ASN B 106 -5.68 -5.11 10.74
N LEU B 107 -6.60 -4.59 9.91
CA LEU B 107 -8.01 -4.65 10.33
C LEU B 107 -8.55 -6.08 10.27
N ILE B 108 -7.92 -6.96 9.45
CA ILE B 108 -8.28 -8.37 9.53
C ILE B 108 -7.61 -9.04 10.72
N SER B 109 -6.44 -8.55 11.17
CA SER B 109 -5.91 -9.09 12.42
C SER B 109 -6.87 -8.77 13.58
N SER B 110 -7.48 -7.61 13.52
CA SER B 110 -8.44 -7.12 14.55
C SER B 110 -9.79 -7.84 14.45
N GLY B 111 -10.69 -7.54 15.42
CA GLY B 111 -12.05 -8.12 15.34
C GLY B 111 -12.92 -7.52 14.27
N ILE B 112 -12.45 -6.49 13.54
CA ILE B 112 -13.19 -6.01 12.38
C ILE B 112 -13.28 -7.09 11.29
N ARG B 113 -12.44 -8.11 11.40
CA ARG B 113 -12.60 -9.29 10.54
C ARG B 113 -14.05 -9.83 10.63
N GLU B 114 -14.62 -9.85 11.84
CA GLU B 114 -16.00 -10.34 11.97
C GLU B 114 -16.99 -9.40 11.30
N THR B 115 -16.75 -8.08 11.42
CA THR B 115 -17.65 -7.11 10.80
C THR B 115 -17.64 -7.25 9.29
N ILE B 116 -16.44 -7.36 8.73
CA ILE B 116 -16.31 -7.56 7.28
C ILE B 116 -16.94 -8.88 6.84
N ARG B 117 -16.66 -9.97 7.58
CA ARG B 117 -17.27 -11.25 7.22
C ARG B 117 -18.80 -11.16 7.15
N TYR B 118 -19.43 -10.46 8.11
CA TYR B 118 -20.88 -10.30 8.09
C TYR B 118 -21.37 -9.63 6.80
N LEU B 119 -20.74 -8.52 6.41
CA LEU B 119 -21.18 -7.81 5.20
C LEU B 119 -21.04 -8.70 3.96
N VAL B 120 -19.95 -9.45 3.91
CA VAL B 120 -19.67 -10.31 2.74
C VAL B 120 -20.63 -11.49 2.72
N GLN B 121 -20.83 -12.10 3.91
CA GLN B 121 -21.76 -13.21 4.03
C GLN B 121 -23.15 -12.86 3.49
N HIS B 122 -23.61 -11.64 3.71
CA HIS B 122 -24.97 -11.27 3.31
C HIS B 122 -25.01 -10.46 2.04
N ASN B 123 -23.94 -10.53 1.22
CA ASN B 123 -23.99 -9.94 -0.13
C ASN B 123 -24.18 -8.43 -0.07
N MET B 124 -23.73 -7.80 1.03
CA MET B 124 -24.00 -6.36 1.19
C MET B 124 -23.01 -5.48 0.43
N VAL B 125 -21.88 -6.01 0.00
CA VAL B 125 -20.89 -5.25 -0.77
C VAL B 125 -20.53 -6.11 -1.96
N ASP B 126 -19.91 -5.49 -2.98
CA ASP B 126 -19.77 -6.18 -4.28
C ASP B 126 -18.35 -6.51 -4.68
N VAL B 127 -17.38 -5.74 -4.19
CA VAL B 127 -15.95 -5.91 -4.53
C VAL B 127 -15.19 -5.69 -3.24
N LEU B 128 -14.21 -6.56 -2.95
CA LEU B 128 -13.30 -6.33 -1.83
C LEU B 128 -11.92 -6.00 -2.37
N VAL B 129 -11.24 -5.08 -1.69
CA VAL B 129 -9.81 -4.86 -1.92
C VAL B 129 -9.08 -4.87 -0.57
N THR B 130 -8.02 -5.67 -0.49
CA THR B 130 -7.24 -5.73 0.74
C THR B 130 -5.81 -6.10 0.37
N THR B 131 -4.87 -5.83 1.29
CA THR B 131 -3.49 -6.27 1.07
C THR B 131 -3.29 -7.72 1.55
N ALA B 132 -2.07 -8.27 1.34
CA ALA B 132 -1.86 -9.72 1.49
C ALA B 132 -2.15 -10.20 2.91
N GLY B 133 -1.71 -9.43 3.92
CA GLY B 133 -2.03 -9.81 5.31
C GLY B 133 -3.53 -9.90 5.55
N GLY B 134 -4.30 -9.02 4.93
CA GLY B 134 -5.74 -9.09 4.97
C GLY B 134 -6.38 -10.30 4.33
N VAL B 135 -5.66 -11.01 3.44
CA VAL B 135 -6.12 -12.31 2.98
C VAL B 135 -5.71 -13.39 3.97
N GLU B 136 -4.39 -13.53 4.16
CA GLU B 136 -3.88 -14.71 4.87
C GLU B 136 -4.40 -14.77 6.32
N GLU B 137 -4.46 -13.64 7.03
CA GLU B 137 -4.83 -13.75 8.44
C GLU B 137 -6.29 -14.15 8.65
N ASP B 138 -7.19 -13.88 7.68
CA ASP B 138 -8.54 -14.45 7.74
C ASP B 138 -8.50 -15.96 7.68
N LEU B 139 -7.69 -16.50 6.77
CA LEU B 139 -7.56 -17.95 6.67
C LEU B 139 -6.93 -18.51 7.93
N ILE B 140 -5.87 -17.86 8.42
CA ILE B 140 -5.16 -18.43 9.56
C ILE B 140 -6.05 -18.41 10.83
N LYS B 141 -6.93 -17.41 10.95
CA LYS B 141 -7.85 -17.36 12.09
C LYS B 141 -8.80 -18.56 12.12
N CYS B 142 -9.00 -19.23 10.99
CA CYS B 142 -9.74 -20.49 10.99
C CYS B 142 -8.92 -21.65 11.53
N LEU B 143 -7.60 -21.50 11.63
CA LEU B 143 -6.70 -22.55 12.14
C LEU B 143 -6.26 -22.32 13.58
N ALA B 144 -6.10 -21.06 14.00
CA ALA B 144 -5.60 -20.70 15.32
C ALA B 144 -5.90 -19.23 15.59
N PRO B 145 -6.16 -18.86 16.84
CA PRO B 145 -6.59 -17.50 17.15
C PRO B 145 -5.44 -16.51 17.25
N THR B 146 -5.80 -15.22 17.20
CA THR B 146 -4.97 -14.08 17.49
C THR B 146 -5.34 -13.60 18.90
N TYR B 147 -4.36 -13.11 19.65
CA TYR B 147 -4.56 -12.81 21.07
C TYR B 147 -4.35 -11.33 21.34
N LEU B 148 -4.98 -10.85 22.42
CA LEU B 148 -4.75 -9.48 22.84
C LEU B 148 -3.43 -9.37 23.57
N GLY B 149 -2.73 -8.26 23.35
CA GLY B 149 -1.46 -7.99 24.00
C GLY B 149 -1.41 -6.50 24.35
N GLU B 150 -0.26 -5.85 24.21
CA GLU B 150 -0.10 -4.41 24.42
C GLU B 150 0.89 -3.87 23.39
N PHE B 151 0.76 -2.58 23.06
CA PHE B 151 1.71 -2.01 22.09
C PHE B 151 3.14 -2.02 22.60
N SER B 152 3.33 -1.91 23.93
CA SER B 152 4.67 -1.67 24.45
C SER B 152 5.48 -2.93 24.72
N LEU B 153 4.95 -4.14 24.48
CA LEU B 153 5.74 -5.35 24.72
C LEU B 153 7.02 -5.34 23.88
N ARG B 154 8.12 -5.71 24.51
CA ARG B 154 9.46 -5.62 23.89
C ARG B 154 9.69 -6.71 22.84
N GLY B 155 10.18 -6.29 21.68
CA GLY B 155 10.36 -7.22 20.56
C GLY B 155 11.34 -8.33 20.86
N LYS B 156 12.42 -8.03 21.59
CA LYS B 156 13.43 -9.06 21.84
C LYS B 156 12.83 -10.23 22.63
N GLU B 157 12.11 -9.95 23.73
CA GLU B 157 11.56 -11.06 24.52
C GLU B 157 10.43 -11.74 23.78
N LEU B 158 9.61 -10.97 23.05
CA LEU B 158 8.60 -11.61 22.21
C LEU B 158 9.26 -12.60 21.25
N ARG B 159 10.28 -12.15 20.50
CA ARG B 159 10.94 -13.01 19.51
C ARG B 159 11.52 -14.24 20.18
N GLU B 160 12.15 -14.05 21.33
CA GLU B 160 12.71 -15.16 22.09
C GLU B 160 11.65 -16.20 22.47
N ASN B 161 10.40 -15.82 22.54
CA ASN B 161 9.31 -16.72 22.87
C ASN B 161 8.47 -17.09 21.67
N GLY B 162 8.93 -16.77 20.47
CA GLY B 162 8.22 -17.07 19.24
C GLY B 162 6.84 -16.44 19.09
N ILE B 163 6.69 -15.19 19.50
CA ILE B 163 5.42 -14.47 19.46
C ILE B 163 5.61 -13.24 18.60
N ASN B 164 4.76 -13.07 17.58
CA ASN B 164 4.83 -11.93 16.70
C ASN B 164 3.81 -10.89 17.13
N ARG B 165 4.19 -9.61 17.04
CA ARG B 165 3.29 -8.53 17.48
C ARG B 165 2.73 -7.76 16.29
N ILE B 166 1.41 -7.50 16.34
CA ILE B 166 0.69 -6.66 15.38
C ILE B 166 -0.04 -5.62 16.25
N GLY B 167 0.54 -4.43 16.36
CA GLY B 167 -0.09 -3.42 17.24
C GLY B 167 -0.19 -3.91 18.67
N ASN B 168 -1.39 -3.91 19.25
CA ASN B 168 -1.54 -4.54 20.55
C ASN B 168 -2.08 -5.97 20.45
N LEU B 169 -1.84 -6.65 19.32
CA LEU B 169 -2.30 -8.02 19.18
C LEU B 169 -1.07 -8.94 19.07
N LEU B 170 -1.32 -10.23 19.23
CA LEU B 170 -0.20 -11.18 19.28
C LEU B 170 -0.54 -12.42 18.48
N VAL B 171 0.36 -12.85 17.60
CA VAL B 171 0.20 -14.04 16.74
C VAL B 171 1.36 -14.99 17.03
N PRO B 172 1.13 -16.17 17.63
CA PRO B 172 2.24 -17.12 17.85
C PRO B 172 2.81 -17.59 16.51
N ASN B 173 4.13 -17.86 16.50
CA ASN B 173 4.77 -18.50 15.35
C ASN B 173 4.01 -19.73 14.88
N GLU B 174 3.51 -20.52 15.82
CA GLU B 174 2.88 -21.78 15.43
C GLU B 174 1.67 -21.53 14.52
N ASN B 175 1.04 -20.34 14.62
CA ASN B 175 -0.03 -20.03 13.67
C ASN B 175 0.46 -20.15 12.24
N TYR B 176 1.70 -19.77 11.98
CA TYR B 176 2.14 -19.77 10.59
C TYR B 176 2.60 -21.16 10.14
N LYS B 178 1.02 -23.81 11.06
CA LYS B 178 -0.27 -24.46 10.74
C LYS B 178 -0.69 -24.02 9.34
N PHE B 179 -0.44 -22.74 9.05
CA PHE B 179 -0.75 -22.18 7.75
C PHE B 179 0.05 -22.87 6.66
N GLU B 180 1.34 -23.06 6.91
CA GLU B 180 2.18 -23.73 5.95
C GLU B 180 1.68 -25.15 5.66
N ASP B 181 1.28 -25.89 6.71
CA ASP B 181 0.84 -27.27 6.50
C ASP B 181 -0.46 -27.33 5.71
N TRP B 182 -1.34 -26.36 5.98
CA TRP B 182 -2.60 -26.23 5.25
C TRP B 182 -2.37 -25.81 3.81
N LEU B 183 -1.49 -24.84 3.57
CA LEU B 183 -1.40 -24.22 2.23
C LEU B 183 -0.56 -25.03 1.23
N MET B 184 0.50 -25.70 1.67
CA MET B 184 1.41 -26.30 0.68
C MET B 184 0.72 -27.28 -0.27
N PRO B 185 -0.14 -28.18 0.21
CA PRO B 185 -0.85 -29.06 -0.73
C PRO B 185 -1.70 -28.30 -1.76
N ILE B 186 -2.31 -27.19 -1.36
CA ILE B 186 -3.09 -26.38 -2.28
C ILE B 186 -2.19 -25.77 -3.35
N LEU B 187 -1.04 -25.20 -2.96
CA LEU B 187 -0.12 -24.68 -3.95
C LEU B 187 0.32 -25.78 -4.94
N ASP B 188 0.49 -27.02 -4.45
CA ASP B 188 0.79 -28.12 -5.36
C ASP B 188 -0.28 -28.28 -6.43
N GLN B 189 -1.57 -28.31 -6.01
CA GLN B 189 -2.67 -28.45 -6.96
C GLN B 189 -2.72 -27.27 -7.93
N MET B 190 -2.51 -26.04 -7.43
CA MET B 190 -2.52 -24.86 -8.28
C MET B 190 -1.47 -24.94 -9.39
N VAL B 191 -0.25 -25.38 -9.05
CA VAL B 191 0.77 -25.52 -10.09
C VAL B 191 0.40 -26.62 -11.08
N MET B 192 -0.16 -27.73 -10.59
CA MET B 192 -0.60 -28.79 -11.50
C MET B 192 -1.71 -28.28 -12.41
N GLU B 193 -2.68 -27.55 -11.87
CA GLU B 193 -3.74 -27.03 -12.70
C GLU B 193 -3.20 -26.00 -13.69
N GLN B 194 -2.21 -25.20 -13.28
CA GLN B 194 -1.58 -24.28 -14.22
C GLN B 194 -0.93 -25.05 -15.37
N ASN B 195 -0.22 -26.11 -15.04
CA ASN B 195 0.65 -26.71 -16.04
C ASN B 195 -0.06 -27.75 -16.85
N THR B 196 -1.17 -28.29 -16.39
CA THR B 196 -1.88 -29.34 -17.14
C THR B 196 -3.31 -28.98 -17.52
N GLU B 197 -3.89 -27.95 -16.92
CA GLU B 197 -5.25 -27.55 -17.28
C GLU B 197 -5.32 -26.12 -17.82
N GLY B 198 -4.19 -25.48 -18.11
CA GLY B 198 -4.19 -24.13 -18.68
C GLY B 198 -4.67 -23.00 -17.75
N VAL B 199 -4.71 -23.21 -16.43
CA VAL B 199 -5.18 -22.14 -15.57
C VAL B 199 -4.14 -21.02 -15.55
N LYS B 200 -4.59 -19.78 -15.69
CA LYS B 200 -3.76 -18.57 -15.57
C LYS B 200 -4.12 -17.88 -14.24
N TRP B 201 -3.29 -18.10 -13.22
CA TRP B 201 -3.62 -17.55 -11.91
C TRP B 201 -3.38 -16.04 -11.89
N THR B 202 -4.22 -15.37 -11.06
CA THR B 202 -4.11 -13.97 -10.66
C THR B 202 -4.37 -13.93 -9.16
N PRO B 203 -4.05 -12.83 -8.47
CA PRO B 203 -4.42 -12.73 -7.03
C PRO B 203 -5.88 -13.04 -6.79
N SER B 204 -6.82 -12.45 -7.57
CA SER B 204 -8.23 -12.67 -7.23
C SER B 204 -8.65 -14.13 -7.43
N LYS B 205 -8.11 -14.80 -8.45
CA LYS B 205 -8.49 -16.20 -8.64
C LYS B 205 -7.92 -17.05 -7.51
N MET B 206 -6.70 -16.75 -7.06
CA MET B 206 -6.11 -17.49 -5.95
C MET B 206 -6.89 -17.27 -4.65
N ILE B 207 -7.33 -16.04 -4.42
CA ILE B 207 -8.10 -15.74 -3.22
C ILE B 207 -9.43 -16.47 -3.23
N ALA B 208 -10.09 -16.54 -4.38
CA ALA B 208 -11.32 -17.34 -4.43
C ALA B 208 -11.02 -18.80 -4.11
N ARG B 209 -9.93 -19.35 -4.65
CA ARG B 209 -9.62 -20.76 -4.43
C ARG B 209 -9.32 -21.00 -2.94
N LEU B 210 -8.59 -20.09 -2.30
CA LEU B 210 -8.27 -20.28 -0.89
C LEU B 210 -9.53 -20.19 -0.01
N GLY B 211 -10.45 -19.28 -0.35
CA GLY B 211 -11.71 -19.22 0.38
C GLY B 211 -12.54 -20.49 0.19
N LYS B 212 -12.54 -21.04 -1.03
CA LYS B 212 -13.23 -22.31 -1.21
C LYS B 212 -12.58 -23.42 -0.37
N GLU B 213 -11.23 -23.47 -0.38
CA GLU B 213 -10.53 -24.52 0.37
C GLU B 213 -10.72 -24.39 1.88
N ILE B 214 -10.75 -23.16 2.41
CA ILE B 214 -10.84 -23.05 3.87
C ILE B 214 -12.21 -23.55 4.37
N ASN B 215 -13.26 -23.40 3.56
CA ASN B 215 -14.52 -24.13 3.76
C ASN B 215 -15.06 -23.97 5.18
N ASN B 216 -15.13 -22.72 5.64
CA ASN B 216 -15.38 -22.41 7.05
C ASN B 216 -16.18 -21.13 7.08
N PRO B 217 -17.39 -21.14 7.69
CA PRO B 217 -18.25 -19.94 7.69
C PRO B 217 -17.73 -18.78 8.53
N GLU B 218 -16.65 -18.95 9.26
CA GLU B 218 -16.09 -17.79 9.93
C GLU B 218 -15.20 -16.94 9.04
N SER B 219 -14.88 -17.43 7.84
CA SER B 219 -13.90 -16.83 6.97
C SER B 219 -14.58 -15.84 5.99
N VAL B 220 -14.04 -14.62 5.93
CA VAL B 220 -14.41 -13.63 4.91
C VAL B 220 -14.34 -14.25 3.52
N TYR B 221 -13.20 -14.88 3.19
CA TYR B 221 -12.95 -15.30 1.80
C TYR B 221 -13.78 -16.51 1.44
N TYR B 222 -14.16 -17.32 2.43
CA TYR B 222 -15.13 -18.38 2.16
C TYR B 222 -16.42 -17.79 1.63
N TRP B 223 -16.96 -16.78 2.32
CA TRP B 223 -18.20 -16.19 1.88
C TRP B 223 -18.02 -15.41 0.59
N ALA B 224 -16.87 -14.73 0.42
CA ALA B 224 -16.65 -13.99 -0.82
C ALA B 224 -16.75 -14.90 -2.04
N GLN B 225 -16.10 -16.07 -1.99
CA GLN B 225 -16.14 -16.92 -3.20
C GLN B 225 -17.52 -17.56 -3.32
N LYS B 226 -18.16 -17.91 -2.18
CA LYS B 226 -19.52 -18.45 -2.24
C LYS B 226 -20.46 -17.47 -2.93
N ASN B 227 -20.32 -16.16 -2.64
CA ASN B 227 -21.24 -15.14 -3.12
C ASN B 227 -20.75 -14.44 -4.39
N HIS B 228 -19.69 -14.96 -5.03
CA HIS B 228 -19.14 -14.40 -6.28
C HIS B 228 -18.74 -12.94 -6.08
N ILE B 229 -18.13 -12.66 -4.95
CA ILE B 229 -17.60 -11.31 -4.66
C ILE B 229 -16.10 -11.37 -4.91
N PRO B 230 -15.57 -10.70 -5.94
CA PRO B 230 -14.13 -10.80 -6.24
C PRO B 230 -13.32 -10.00 -5.23
N VAL B 231 -12.12 -10.50 -4.94
CA VAL B 231 -11.20 -9.88 -3.99
C VAL B 231 -9.94 -9.49 -4.74
N PHE B 232 -9.57 -8.20 -4.72
CA PHE B 232 -8.36 -7.80 -5.43
C PHE B 232 -7.27 -7.47 -4.43
N SER B 233 -6.02 -7.87 -4.80
CA SER B 233 -4.88 -7.66 -3.89
C SER B 233 -3.62 -7.72 -4.73
N PRO B 234 -3.23 -6.64 -5.43
CA PRO B 234 -2.19 -6.81 -6.47
C PRO B 234 -0.83 -7.15 -5.87
N ALA B 235 -0.53 -6.72 -4.65
CA ALA B 235 0.75 -7.13 -4.04
C ALA B 235 0.52 -8.32 -3.10
N LEU B 236 -0.07 -9.40 -3.63
CA LEU B 236 -0.41 -10.55 -2.79
C LEU B 236 0.80 -11.26 -2.21
N THR B 237 1.99 -11.09 -2.82
CA THR B 237 3.23 -11.67 -2.33
C THR B 237 3.80 -10.96 -1.09
N ASP B 238 3.23 -9.84 -0.64
CA ASP B 238 3.83 -9.07 0.45
C ASP B 238 3.28 -9.51 1.82
N GLY B 239 3.70 -10.70 2.24
CA GLY B 239 3.25 -11.22 3.54
C GLY B 239 3.57 -12.71 3.64
N SER B 240 2.85 -13.40 4.52
CA SER B 240 3.14 -14.82 4.78
C SER B 240 2.79 -15.70 3.58
N LEU B 241 1.67 -15.41 2.92
CA LEU B 241 1.34 -16.14 1.70
C LEU B 241 2.49 -16.08 0.69
N GLY B 242 3.11 -14.89 0.52
CA GLY B 242 4.33 -14.82 -0.29
C GLY B 242 5.48 -15.66 0.26
N ASP B 243 5.71 -15.62 1.58
CA ASP B 243 6.74 -16.48 2.15
C ASP B 243 6.53 -17.91 1.68
N MET B 244 5.29 -18.39 1.75
CA MET B 244 5.00 -19.78 1.45
C MET B 244 5.17 -20.06 -0.03
N ILE B 245 4.66 -19.17 -0.89
CA ILE B 245 4.87 -19.34 -2.32
C ILE B 245 6.36 -19.41 -2.62
N PHE B 246 7.14 -18.52 -2.00
CA PHE B 246 8.59 -18.48 -2.18
C PHE B 246 9.23 -19.83 -1.83
N PHE B 247 8.96 -20.35 -0.64
CA PHE B 247 9.56 -21.61 -0.28
C PHE B 247 9.06 -22.73 -1.19
N HIS B 248 7.76 -22.70 -1.49
CA HIS B 248 7.18 -23.70 -2.37
C HIS B 248 7.88 -23.72 -3.69
N SER B 249 8.25 -22.55 -4.20
CA SER B 249 8.80 -22.47 -5.55
C SER B 249 10.11 -23.20 -5.68
N TYR B 250 10.79 -23.47 -4.57
CA TYR B 250 12.04 -24.21 -4.72
C TYR B 250 11.80 -25.70 -4.88
N LYS B 251 10.70 -26.22 -4.35
CA LYS B 251 10.37 -27.62 -4.57
C LYS B 251 9.51 -27.84 -5.81
N ASN B 252 8.72 -26.84 -6.21
CA ASN B 252 7.71 -27.00 -7.25
C ASN B 252 7.64 -25.72 -8.04
N PRO B 253 8.61 -25.51 -8.93
CA PRO B 253 8.82 -24.19 -9.54
C PRO B 253 7.79 -23.82 -10.59
N GLY B 254 7.61 -22.51 -10.77
CA GLY B 254 6.93 -21.95 -11.92
C GLY B 254 5.54 -21.39 -11.69
N LEU B 255 5.03 -21.35 -10.46
CA LEU B 255 3.72 -20.69 -10.22
C LEU B 255 3.77 -19.23 -10.68
N VAL B 256 2.81 -18.81 -11.51
CA VAL B 256 2.72 -17.43 -12.00
C VAL B 256 1.47 -16.75 -11.45
N LEU B 257 1.63 -15.54 -10.92
CA LEU B 257 0.48 -14.72 -10.51
C LEU B 257 0.52 -13.45 -11.34
N ASP B 258 -0.37 -13.35 -12.33
CA ASP B 258 -0.45 -12.17 -13.20
C ASP B 258 -1.27 -11.05 -12.55
N ILE B 259 -0.73 -9.82 -12.49
CA ILE B 259 -1.56 -8.73 -11.96
C ILE B 259 -2.27 -7.96 -13.06
N VAL B 260 -1.92 -8.20 -14.33
CA VAL B 260 -2.53 -7.40 -15.39
C VAL B 260 -3.98 -7.79 -15.59
N GLU B 261 -4.26 -9.09 -15.62
CA GLU B 261 -5.64 -9.52 -15.81
C GLU B 261 -6.52 -8.98 -14.66
N ASP B 262 -5.99 -9.02 -13.44
CA ASP B 262 -6.78 -8.53 -12.31
C ASP B 262 -7.06 -7.04 -12.41
N LEU B 263 -6.18 -6.29 -13.06
CA LEU B 263 -6.45 -4.86 -13.26
C LEU B 263 -7.64 -4.68 -14.20
N ARG B 264 -7.70 -5.45 -15.29
CA ARG B 264 -8.89 -5.39 -16.13
C ARG B 264 -10.11 -5.76 -15.33
N LEU B 265 -10.02 -6.78 -14.50
CA LEU B 265 -11.20 -7.27 -13.80
C LEU B 265 -11.73 -6.23 -12.80
N ILE B 266 -10.85 -5.59 -12.02
CA ILE B 266 -11.42 -4.61 -11.07
C ILE B 266 -11.94 -3.40 -11.84
N ASN B 267 -11.25 -2.95 -12.85
CA ASN B 267 -11.66 -1.76 -13.54
C ASN B 267 -13.03 -1.95 -14.22
N THR B 268 -13.28 -3.13 -14.73
CA THR B 268 -14.55 -3.39 -15.39
C THR B 268 -15.70 -3.38 -14.39
N GLN B 269 -15.44 -3.75 -13.16
CA GLN B 269 -16.51 -3.64 -12.13
C GLN B 269 -16.99 -2.21 -11.99
N ALA B 270 -16.06 -1.23 -12.09
CA ALA B 270 -16.45 0.17 -12.00
C ALA B 270 -17.04 0.69 -13.30
N ILE B 271 -16.44 0.31 -14.46
CA ILE B 271 -16.84 0.91 -15.71
C ILE B 271 -18.30 0.57 -16.03
N PHE B 272 -18.74 -0.64 -15.73
CA PHE B 272 -20.11 -1.02 -16.13
C PHE B 272 -21.13 -0.93 -14.97
N ALA B 273 -20.78 -0.28 -13.87
CA ALA B 273 -21.72 -0.04 -12.77
C ALA B 273 -22.75 1.04 -13.13
N LYS B 274 -24.01 0.86 -12.66
CA LYS B 274 -24.98 1.96 -12.73
C LYS B 274 -24.55 3.12 -11.86
N CYS B 275 -24.19 2.84 -10.58
N CYS B 275 -23.93 2.79 -10.73
CA CYS B 275 -23.67 3.76 -9.57
CA CYS B 275 -23.62 3.69 -9.64
C CYS B 275 -22.58 3.00 -8.82
C CYS B 275 -22.59 2.98 -8.77
N THR B 276 -21.64 3.73 -8.22
CA THR B 276 -20.71 3.10 -7.31
C THR B 276 -20.63 3.84 -5.97
N GLY B 277 -20.31 3.05 -4.95
CA GLY B 277 -19.98 3.60 -3.63
C GLY B 277 -18.64 3.02 -3.23
N MET B 278 -17.82 3.85 -2.56
CA MET B 278 -16.55 3.37 -1.98
C MET B 278 -16.67 3.48 -0.47
N ILE B 279 -16.32 2.41 0.25
CA ILE B 279 -16.20 2.46 1.73
C ILE B 279 -14.77 1.98 1.98
N ILE B 280 -13.91 2.88 2.42
CA ILE B 280 -12.47 2.53 2.53
C ILE B 280 -11.97 2.72 3.94
N LEU B 281 -11.49 1.64 4.52
CA LEU B 281 -10.93 1.65 5.88
C LEU B 281 -9.40 1.67 5.74
N GLY B 282 -8.79 2.76 6.17
CA GLY B 282 -7.34 2.87 6.05
C GLY B 282 -6.89 3.38 4.68
N GLY B 283 -5.57 3.38 4.48
CA GLY B 283 -4.98 4.03 3.30
C GLY B 283 -4.11 3.10 2.47
N GLY B 284 -3.23 3.65 1.68
CA GLY B 284 -2.29 2.82 0.88
C GLY B 284 -2.91 2.25 -0.39
N VAL B 285 -2.37 1.09 -0.77
CA VAL B 285 -2.81 0.42 -2.01
C VAL B 285 -4.31 0.21 -2.01
N VAL B 286 -4.88 -0.19 -0.86
CA VAL B 286 -6.31 -0.51 -0.85
C VAL B 286 -7.12 0.72 -1.22
N LYS B 287 -6.73 1.88 -0.70
CA LYS B 287 -7.53 3.09 -0.97
C LYS B 287 -7.34 3.54 -2.42
N HIS B 288 -6.10 3.64 -2.87
CA HIS B 288 -5.86 4.12 -4.23
C HIS B 288 -6.42 3.16 -5.27
N HIS B 289 -6.33 1.84 -5.03
CA HIS B 289 -6.71 0.89 -6.09
C HIS B 289 -8.21 0.96 -6.33
N ILE B 290 -9.00 1.11 -5.26
CA ILE B 290 -10.44 1.29 -5.43
C ILE B 290 -10.71 2.62 -6.12
N ALA B 291 -10.07 3.71 -5.62
CA ALA B 291 -10.34 5.02 -6.24
C ALA B 291 -9.94 5.04 -7.71
N ASN B 292 -8.84 4.38 -8.04
CA ASN B 292 -8.35 4.41 -9.43
C ASN B 292 -9.28 3.64 -10.37
N ALA B 293 -9.87 2.55 -9.89
CA ALA B 293 -10.90 1.85 -10.66
C ALA B 293 -12.08 2.78 -10.90
N ASN B 294 -12.47 3.57 -9.88
CA ASN B 294 -13.59 4.46 -10.09
C ASN B 294 -13.24 5.66 -10.95
N LEU B 295 -11.98 6.06 -10.99
CA LEU B 295 -11.58 7.07 -11.97
C LEU B 295 -11.92 6.61 -13.40
N MET B 296 -11.90 5.30 -13.66
CA MET B 296 -12.17 4.86 -15.05
C MET B 296 -13.60 5.13 -15.47
N ARG B 297 -14.51 5.43 -14.53
CA ARG B 297 -15.89 5.81 -14.88
C ARG B 297 -16.15 7.30 -14.63
N ASN B 298 -15.05 8.09 -14.48
CA ASN B 298 -15.11 9.51 -14.13
C ASN B 298 -15.72 9.75 -12.74
N GLY B 299 -15.61 8.75 -11.86
CA GLY B 299 -15.79 9.01 -10.45
C GLY B 299 -16.85 8.20 -9.72
N ALA B 300 -16.59 7.92 -8.47
CA ALA B 300 -17.59 7.29 -7.60
C ALA B 300 -18.74 8.26 -7.25
N ASP B 301 -19.94 7.71 -7.11
CA ASP B 301 -21.10 8.53 -6.70
C ASP B 301 -21.17 8.80 -5.22
N TYR B 302 -20.65 7.87 -4.39
CA TYR B 302 -20.69 7.97 -2.92
C TYR B 302 -19.33 7.53 -2.42
N ALA B 303 -18.83 8.15 -1.36
CA ALA B 303 -17.52 7.75 -0.85
C ALA B 303 -17.45 8.05 0.63
N VAL B 304 -17.07 7.04 1.42
CA VAL B 304 -16.84 7.22 2.87
C VAL B 304 -15.47 6.63 3.17
N TYR B 305 -14.59 7.44 3.74
CA TYR B 305 -13.27 7.03 4.20
C TYR B 305 -13.22 7.03 5.72
N ILE B 306 -12.66 5.99 6.33
CA ILE B 306 -12.35 6.03 7.75
C ILE B 306 -10.85 5.79 7.84
N ASN B 307 -10.07 6.80 8.23
N ASN B 307 -10.09 6.80 8.25
CA ASN B 307 -8.64 6.47 8.31
CA ASN B 307 -8.63 6.63 8.17
C ASN B 307 -7.97 7.54 9.18
C ASN B 307 -7.95 7.59 9.14
N THR B 308 -6.82 7.18 9.71
CA THR B 308 -6.10 8.00 10.67
C THR B 308 -5.01 8.83 10.02
N ALA B 309 -4.83 8.74 8.70
CA ALA B 309 -3.72 9.46 8.11
C ALA B 309 -4.07 10.92 7.92
N GLN B 310 -3.04 11.76 7.74
CA GLN B 310 -3.23 13.22 7.64
C GLN B 310 -2.64 13.71 6.34
N GLU B 311 -3.08 14.90 5.86
CA GLU B 311 -2.67 15.22 4.48
C GLU B 311 -1.28 15.83 4.37
N PHE B 312 -0.72 16.37 5.47
CA PHE B 312 0.42 17.30 5.38
C PHE B 312 1.69 16.69 4.71
N ASP B 313 1.82 15.38 4.70
CA ASP B 313 3.02 14.73 4.17
C ASP B 313 2.89 14.47 2.67
N GLY B 314 1.76 14.93 2.06
CA GLY B 314 1.53 14.70 0.61
C GLY B 314 1.05 13.32 0.24
N SER B 315 0.91 12.42 1.20
CA SER B 315 0.62 11.01 0.92
C SER B 315 -0.75 10.83 0.28
N ASP B 316 -0.88 9.76 -0.53
CA ASP B 316 -2.22 9.39 -0.99
C ASP B 316 -3.07 8.95 0.19
N SER B 317 -2.47 8.19 1.13
CA SER B 317 -3.17 7.71 2.32
C SER B 317 -3.82 8.85 3.07
N GLY B 318 -3.10 9.95 3.25
CA GLY B 318 -3.69 11.06 4.06
C GLY B 318 -4.43 12.12 3.25
N ALA B 319 -4.57 11.92 1.94
CA ALA B 319 -5.25 12.89 1.09
C ALA B 319 -6.73 12.96 1.50
N ARG B 320 -7.25 14.18 1.56
CA ARG B 320 -8.69 14.38 1.81
C ARG B 320 -9.48 13.93 0.58
N PRO B 321 -10.75 13.56 0.75
CA PRO B 321 -11.59 13.24 -0.44
C PRO B 321 -11.49 14.31 -1.50
N ASP B 322 -11.34 15.59 -1.11
CA ASP B 322 -11.38 16.61 -2.15
C ASP B 322 -10.16 16.48 -3.08
N GLU B 323 -9.08 15.82 -2.65
CA GLU B 323 -7.98 15.66 -3.58
C GLU B 323 -8.42 14.73 -4.70
N ALA B 324 -9.15 13.66 -4.32
CA ALA B 324 -9.63 12.71 -5.31
C ALA B 324 -10.60 13.36 -6.30
N VAL B 325 -11.38 14.35 -5.86
CA VAL B 325 -12.23 15.09 -6.80
C VAL B 325 -11.43 15.73 -7.95
N SER B 326 -10.25 16.30 -7.65
CA SER B 326 -9.49 16.93 -8.73
C SER B 326 -9.10 15.93 -9.82
N TRP B 327 -8.91 14.65 -9.47
CA TRP B 327 -8.53 13.64 -10.47
C TRP B 327 -9.74 13.10 -11.24
N GLY B 328 -10.94 13.17 -10.65
CA GLY B 328 -12.08 12.45 -11.20
C GLY B 328 -12.30 11.08 -10.58
N LYS B 329 -11.65 10.80 -9.44
CA LYS B 329 -11.90 9.54 -8.71
C LYS B 329 -13.25 9.57 -7.96
N ILE B 330 -13.70 10.77 -7.60
CA ILE B 330 -14.97 11.02 -6.93
C ILE B 330 -15.68 12.06 -7.78
N ARG B 331 -16.96 11.85 -8.09
CA ARG B 331 -17.64 12.83 -8.93
C ARG B 331 -17.74 14.21 -8.25
N VAL B 332 -17.88 15.25 -9.08
CA VAL B 332 -17.93 16.61 -8.53
C VAL B 332 -19.20 16.82 -7.72
N ASP B 333 -20.30 16.16 -8.09
CA ASP B 333 -21.54 16.35 -7.33
C ASP B 333 -21.71 15.35 -6.19
N ALA B 334 -20.72 14.50 -5.93
CA ALA B 334 -20.76 13.62 -4.77
C ALA B 334 -20.58 14.44 -3.48
N GLN B 335 -20.98 13.86 -2.36
CA GLN B 335 -20.77 14.48 -1.04
C GLN B 335 -19.95 13.51 -0.18
N PRO B 336 -18.66 13.33 -0.50
CA PRO B 336 -17.85 12.34 0.21
C PRO B 336 -17.63 12.77 1.65
N VAL B 337 -17.31 11.82 2.51
CA VAL B 337 -17.09 12.03 3.93
C VAL B 337 -15.85 11.29 4.36
N LYS B 338 -14.98 11.94 5.15
CA LYS B 338 -13.88 11.23 5.81
C LYS B 338 -14.07 11.36 7.34
N VAL B 339 -13.97 10.23 8.06
CA VAL B 339 -13.97 10.20 9.53
C VAL B 339 -12.53 9.93 9.94
N TYR B 340 -11.93 10.85 10.68
CA TYR B 340 -10.53 10.74 11.14
C TYR B 340 -10.52 9.96 12.45
N ALA B 341 -10.39 8.64 12.37
CA ALA B 341 -10.44 7.81 13.56
C ALA B 341 -9.98 6.40 13.23
N ASP B 342 -9.57 5.69 14.30
CA ASP B 342 -9.30 4.26 14.21
C ASP B 342 -10.59 3.50 13.86
N ALA B 343 -10.56 2.77 12.73
CA ALA B 343 -11.75 2.05 12.27
C ALA B 343 -12.13 0.93 13.22
N SER B 344 -11.24 0.53 14.12
CA SER B 344 -11.66 -0.51 15.03
C SER B 344 -12.77 0.02 15.97
N LEU B 345 -12.78 1.34 16.21
CA LEU B 345 -13.86 1.97 17.01
C LEU B 345 -15.07 2.27 16.11
N VAL B 346 -14.86 2.85 14.94
CA VAL B 346 -15.92 3.49 14.17
C VAL B 346 -16.70 2.48 13.30
N PHE B 347 -15.97 1.54 12.69
CA PHE B 347 -16.65 0.73 11.68
C PHE B 347 -17.78 -0.13 12.24
N PRO B 348 -17.65 -0.79 13.40
CA PRO B 348 -18.82 -1.53 13.91
C PRO B 348 -20.04 -0.61 14.21
N LEU B 349 -19.78 0.64 14.66
CA LEU B 349 -20.88 1.62 14.88
C LEU B 349 -21.53 2.00 13.56
N LEU B 350 -20.71 2.17 12.52
CA LEU B 350 -21.24 2.55 11.21
C LEU B 350 -22.13 1.44 10.67
N VAL B 351 -21.63 0.19 10.75
CA VAL B 351 -22.40 -0.95 10.26
C VAL B 351 -23.71 -1.08 11.06
N ALA B 352 -23.66 -0.87 12.40
CA ALA B 352 -24.88 -0.94 13.21
C ALA B 352 -25.97 0.01 12.73
N GLU B 353 -25.59 1.21 12.29
CA GLU B 353 -26.53 2.26 11.90
C GLU B 353 -26.91 2.20 10.42
N THR B 354 -26.33 1.27 9.66
CA THR B 354 -26.59 1.25 8.21
C THR B 354 -26.95 -0.17 7.78
N PHE B 355 -25.94 -0.95 7.27
CA PHE B 355 -26.25 -2.29 6.73
C PHE B 355 -27.06 -3.15 7.71
N ALA B 356 -26.70 -3.12 9.00
CA ALA B 356 -27.38 -4.05 9.90
C ALA B 356 -28.87 -3.74 10.05
N GLN B 357 -29.28 -2.51 9.85
CA GLN B 357 -30.71 -2.17 9.95
C GLN B 357 -31.45 -2.54 8.66
N LYS B 358 -30.73 -2.79 7.57
CA LYS B 358 -31.43 -3.16 6.34
C LYS B 358 -31.21 -4.61 6.01
N MET B 359 -30.89 -5.42 7.01
CA MET B 359 -30.51 -6.80 6.76
C MET B 359 -31.59 -7.59 6.06
N ASP B 360 -32.86 -7.38 6.43
CA ASP B 360 -33.92 -8.17 5.78
C ASP B 360 -33.93 -8.00 4.27
N ALA B 361 -33.52 -6.82 3.77
CA ALA B 361 -33.54 -6.57 2.34
C ALA B 361 -32.47 -7.41 1.63
N PHE B 362 -31.49 -7.91 2.36
CA PHE B 362 -30.37 -8.62 1.75
C PHE B 362 -30.50 -10.13 1.84
N MET B 363 -31.58 -10.58 2.42
CA MET B 363 -31.72 -12.03 2.56
C MET B 363 -32.87 -12.58 1.70
N HIS B 364 -33.03 -13.90 1.79
CA HIS B 364 -34.13 -14.65 1.16
C HIS B 364 -33.99 -14.63 -0.37
#